data_5TSF
#
_entry.id   5TSF
#
_cell.length_a   88.190
_cell.length_b   115.700
_cell.length_c   131.000
_cell.angle_alpha   90.00
_cell.angle_beta   90.00
_cell.angle_gamma   90.00
#
_symmetry.space_group_name_H-M   'P 21 21 21'
#
loop_
_entity.id
_entity.type
_entity.pdbx_description
1 polymer 'Soluble acetylcholine receptor'
2 non-polymer 6-chloro-N~4~,N~4~-bis[(pyridin-3-yl)methyl]pyrimidine-2,4-diamine
3 non-polymer 2-acetamido-2-deoxy-beta-D-glucopyranose
4 water water
#
_entity_poly.entity_id   1
_entity_poly.type   'polypeptide(L)'
_entity_poly.pdbx_seq_one_letter_code
;DYKDDDDKLHSQANLMRLKSDLFNRSPMYPGPTKDDPLTVTLGFTLQDIVKADSSTNEVDLVYYEQQRWKLNSLMWDPNE
YGNITDFRTSAADIWTPDITAYSSTRPVQVLSPQIAVVTHDGSVMFIPAQRLSFMCDPTGVDSEEGATCAVKFGSWVYSG
FEIDLKTDTDQVDLSSYYASSKYEILSATQTRQVQHYSCCPEPYIDVNLVVKFRERRAGNGFFRNLFDSR
;
_entity_poly.pdbx_strand_id   A,B,C,D,E
#
loop_
_chem_comp.id
_chem_comp.type
_chem_comp.name
_chem_comp.formula
7KO non-polymer 6-chloro-N~4~,N~4~-bis[(pyridin-3-yl)methyl]pyrimidine-2,4-diamine 'C16 H15 Cl N6'
NAG D-saccharide, beta linking 2-acetamido-2-deoxy-beta-D-glucopyranose 'C8 H15 N O6'
#
# COMPACT_ATOMS: atom_id res chain seq x y z
N ASP A 7 -7.33 40.82 11.35
CA ASP A 7 -6.69 40.89 10.04
C ASP A 7 -5.83 39.65 9.81
N LYS A 8 -5.88 38.73 10.77
CA LYS A 8 -5.26 37.42 10.62
C LYS A 8 -6.35 36.42 10.25
N LEU A 9 -7.54 36.61 10.83
CA LEU A 9 -8.73 35.89 10.40
C LEU A 9 -9.03 36.31 8.95
N HIS A 10 -8.65 37.56 8.63
CA HIS A 10 -8.79 38.09 7.27
C HIS A 10 -7.74 37.58 6.29
N SER A 11 -6.52 37.43 6.77
CA SER A 11 -5.47 36.77 5.99
C SER A 11 -5.97 35.38 5.60
N GLN A 12 -6.54 34.68 6.58
CA GLN A 12 -7.05 33.34 6.42
C GLN A 12 -8.23 33.26 5.45
N ALA A 13 -9.15 34.22 5.58
CA ALA A 13 -10.35 34.22 4.76
C ALA A 13 -10.01 34.51 3.30
N ASN A 14 -9.01 35.35 3.09
CA ASN A 14 -8.51 35.65 1.75
C ASN A 14 -7.89 34.45 1.06
N LEU A 15 -7.09 33.68 1.79
CA LEU A 15 -6.46 32.48 1.23
C LEU A 15 -7.53 31.46 0.82
N MET A 16 -8.55 31.31 1.67
CA MET A 16 -9.64 30.37 1.41
C MET A 16 -10.42 30.76 0.14
N ARG A 17 -10.64 32.06 -0.03
CA ARG A 17 -11.38 32.58 -1.17
C ARG A 17 -10.58 32.33 -2.44
N LEU A 18 -9.30 32.67 -2.40
CA LEU A 18 -8.42 32.43 -3.53
C LEU A 18 -8.48 30.97 -4.01
N LYS A 19 -8.35 30.03 -3.07
CA LYS A 19 -8.33 28.63 -3.45
C LYS A 19 -9.71 28.21 -3.95
N SER A 20 -10.74 28.69 -3.28
CA SER A 20 -12.11 28.42 -3.70
C SER A 20 -12.38 28.99 -5.09
N ASP A 21 -11.91 30.21 -5.33
CA ASP A 21 -11.99 30.82 -6.68
C ASP A 21 -11.28 29.98 -7.73
N LEU A 22 -10.00 29.68 -7.51
CA LEU A 22 -9.22 28.92 -8.49
C LEU A 22 -9.76 27.49 -8.72
N PHE A 23 -10.07 26.79 -7.64
CA PHE A 23 -10.38 25.35 -7.72
C PHE A 23 -11.86 25.04 -7.84
N ASN A 24 -12.57 25.15 -6.72
CA ASN A 24 -13.97 24.82 -6.66
C ASN A 24 -14.81 25.94 -7.24
N ARG A 25 -14.52 26.28 -8.50
CA ARG A 25 -15.25 27.30 -9.25
C ARG A 25 -14.79 27.31 -10.71
N SER A 26 -13.75 28.09 -11.02
CA SER A 26 -13.23 28.19 -12.39
C SER A 26 -12.90 26.84 -12.95
N PRO A 27 -13.12 26.66 -14.27
CA PRO A 27 -12.73 25.42 -14.96
C PRO A 27 -11.27 25.10 -14.69
N MET A 28 -10.98 23.86 -14.35
CA MET A 28 -9.60 23.45 -14.13
C MET A 28 -8.99 22.87 -15.40
N TYR A 29 -7.67 23.00 -15.46
CA TYR A 29 -6.82 22.48 -16.52
C TYR A 29 -7.08 21.00 -16.75
N PRO A 30 -7.36 20.61 -18.00
CA PRO A 30 -7.52 19.20 -18.37
C PRO A 30 -6.22 18.59 -18.86
N GLY A 31 -5.08 19.19 -18.55
CA GLY A 31 -3.81 18.69 -19.06
C GLY A 31 -3.48 19.34 -20.39
N PRO A 32 -2.22 19.23 -20.84
CA PRO A 32 -1.76 19.92 -22.04
C PRO A 32 -2.19 19.21 -23.31
N THR A 33 -2.29 19.97 -24.39
CA THR A 33 -2.66 19.45 -25.70
C THR A 33 -1.79 20.03 -26.79
N LYS A 34 -1.95 19.50 -28.00
CA LYS A 34 -1.20 19.98 -29.16
C LYS A 34 -1.56 21.45 -29.42
N ASP A 35 -2.76 21.84 -29.01
CA ASP A 35 -3.21 23.21 -29.14
C ASP A 35 -2.70 24.09 -27.98
N ASP A 36 -2.58 23.50 -26.80
CA ASP A 36 -2.19 24.26 -25.61
C ASP A 36 -1.02 23.56 -24.89
N PRO A 37 0.16 23.52 -25.55
CA PRO A 37 1.26 22.73 -24.97
C PRO A 37 1.84 23.34 -23.70
N LEU A 38 2.63 22.54 -22.97
CA LEU A 38 3.17 22.92 -21.66
C LEU A 38 4.62 22.58 -21.61
N THR A 39 5.42 23.47 -21.07
CA THR A 39 6.85 23.24 -20.92
C THR A 39 7.13 23.01 -19.45
N VAL A 40 7.75 21.87 -19.15
CA VAL A 40 8.07 21.53 -17.77
C VAL A 40 9.57 21.60 -17.58
N THR A 41 10.00 22.33 -16.57
CA THR A 41 11.43 22.43 -16.25
C THR A 41 11.76 21.38 -15.19
N LEU A 42 12.84 20.64 -15.41
CA LEU A 42 13.30 19.62 -14.47
C LEU A 42 14.70 19.97 -14.00
N GLY A 43 14.99 19.63 -12.75
CA GLY A 43 16.33 19.78 -12.20
C GLY A 43 16.50 18.79 -11.07
N PHE A 44 17.69 18.20 -10.98
CA PHE A 44 17.96 17.20 -9.96
C PHE A 44 18.96 17.68 -8.90
N THR A 45 18.64 17.37 -7.65
CA THR A 45 19.54 17.57 -6.53
C THR A 45 19.90 16.18 -6.01
N LEU A 46 21.10 15.71 -6.29
CA LEU A 46 21.48 14.35 -5.92
C LEU A 46 21.96 14.30 -4.46
N GLN A 47 21.26 13.51 -3.64
CA GLN A 47 21.56 13.45 -2.22
C GLN A 47 22.45 12.28 -1.80
N ASP A 48 22.27 11.13 -2.44
CA ASP A 48 23.01 9.95 -2.02
C ASP A 48 22.92 8.82 -3.03
N ILE A 49 24.03 8.13 -3.28
CA ILE A 49 23.96 6.83 -3.94
C ILE A 49 24.02 5.82 -2.81
N VAL A 50 22.90 5.15 -2.56
CA VAL A 50 22.78 4.34 -1.36
C VAL A 50 23.50 3.01 -1.53
N LYS A 51 23.32 2.43 -2.71
CA LYS A 51 23.71 1.04 -2.92
C LYS A 51 23.99 0.78 -4.39
N ALA A 52 24.98 -0.06 -4.64
CA ALA A 52 25.29 -0.54 -5.99
C ALA A 52 25.34 -2.05 -5.97
N ASP A 53 24.39 -2.68 -6.65
CA ASP A 53 24.27 -4.12 -6.65
C ASP A 53 24.85 -4.66 -7.96
N SER A 54 26.00 -5.31 -7.87
CA SER A 54 26.64 -5.84 -9.07
C SER A 54 26.13 -7.22 -9.40
N SER A 55 25.33 -7.80 -8.51
CA SER A 55 24.72 -9.08 -8.83
C SER A 55 23.50 -8.89 -9.76
N THR A 56 22.89 -7.71 -9.75
CA THR A 56 21.69 -7.48 -10.57
C THR A 56 21.79 -6.27 -11.50
N ASN A 57 22.91 -5.56 -11.40
CA ASN A 57 23.10 -4.28 -12.09
C ASN A 57 21.95 -3.30 -11.86
N GLU A 58 21.72 -3.03 -10.58
CA GLU A 58 20.80 -1.97 -10.17
C GLU A 58 21.53 -1.03 -9.23
N VAL A 59 21.20 0.25 -9.30
CA VAL A 59 21.75 1.20 -8.36
C VAL A 59 20.60 2.01 -7.77
N ASP A 60 20.72 2.29 -6.49
CA ASP A 60 19.71 3.06 -5.75
C ASP A 60 20.19 4.47 -5.49
N LEU A 61 19.41 5.45 -5.94
CA LEU A 61 19.69 6.86 -5.73
C LEU A 61 18.64 7.49 -4.84
N VAL A 62 19.06 8.48 -4.07
CA VAL A 62 18.13 9.36 -3.40
C VAL A 62 18.37 10.76 -3.92
N TYR A 63 17.32 11.39 -4.42
CA TYR A 63 17.44 12.74 -4.97
C TYR A 63 16.15 13.51 -4.77
N TYR A 64 16.24 14.82 -4.97
CA TYR A 64 15.08 15.71 -5.00
C TYR A 64 14.87 16.07 -6.47
N GLU A 65 13.65 15.92 -6.97
CA GLU A 65 13.38 16.18 -8.37
C GLU A 65 12.57 17.48 -8.49
N GLN A 66 13.22 18.55 -8.93
CA GLN A 66 12.49 19.80 -9.06
C GLN A 66 11.71 19.87 -10.37
N GLN A 67 10.40 20.07 -10.24
CA GLN A 67 9.53 20.22 -11.39
C GLN A 67 8.89 21.59 -11.34
N ARG A 68 8.86 22.25 -12.48
CA ARG A 68 8.25 23.56 -12.54
C ARG A 68 7.50 23.75 -13.85
N TRP A 69 6.30 24.32 -13.78
CA TRP A 69 5.51 24.61 -14.97
C TRP A 69 4.61 25.80 -14.69
N LYS A 70 3.92 26.30 -15.70
CA LYS A 70 3.14 27.52 -15.51
C LYS A 70 1.82 27.50 -16.28
N LEU A 71 0.74 27.85 -15.58
CA LEU A 71 -0.60 27.82 -16.17
C LEU A 71 -1.36 29.13 -15.95
N ASN A 72 -1.98 29.62 -17.01
CA ASN A 72 -2.84 30.80 -16.95
C ASN A 72 -3.99 30.62 -15.97
N SER A 73 -4.55 29.41 -15.94
CA SER A 73 -5.71 29.14 -15.08
C SER A 73 -5.35 29.14 -13.60
N LEU A 74 -4.07 29.28 -13.27
CA LEU A 74 -3.66 29.40 -11.87
C LEU A 74 -3.19 30.81 -11.52
N MET A 75 -3.35 31.75 -12.44
CA MET A 75 -2.93 33.15 -12.19
C MET A 75 -3.95 33.87 -11.33
N TRP A 76 -3.47 34.86 -10.58
CA TRP A 76 -4.34 35.80 -9.87
C TRP A 76 -3.60 37.09 -9.56
N ASP A 77 -4.37 38.12 -9.26
CA ASP A 77 -3.84 39.42 -8.90
C ASP A 77 -3.85 39.47 -7.37
N PRO A 78 -2.66 39.55 -6.78
CA PRO A 78 -2.50 39.54 -5.33
C PRO A 78 -3.33 40.64 -4.65
N ASN A 79 -3.59 41.72 -5.38
CA ASN A 79 -4.36 42.84 -4.86
C ASN A 79 -5.80 42.51 -4.55
N GLU A 80 -6.36 41.59 -5.32
CA GLU A 80 -7.72 41.14 -5.06
C GLU A 80 -7.76 40.16 -3.90
N TYR A 81 -6.60 39.86 -3.32
CA TYR A 81 -6.52 38.82 -2.29
C TYR A 81 -5.52 39.15 -1.18
N GLY A 82 -5.65 40.34 -0.59
CA GLY A 82 -4.84 40.72 0.55
C GLY A 82 -3.32 40.62 0.35
N ASN A 83 -2.89 40.76 -0.90
CA ASN A 83 -1.47 40.68 -1.27
C ASN A 83 -0.85 39.30 -1.03
N ILE A 84 -1.69 38.28 -1.05
CA ILE A 84 -1.20 36.92 -1.08
C ILE A 84 -0.48 36.73 -2.40
N THR A 85 0.75 36.27 -2.36
CA THR A 85 1.54 36.11 -3.58
C THR A 85 1.78 34.64 -3.92
N ASP A 86 1.61 33.76 -2.94
CA ASP A 86 1.75 32.33 -3.18
C ASP A 86 0.98 31.53 -2.14
N PHE A 87 0.77 30.25 -2.43
CA PHE A 87 0.20 29.33 -1.43
C PHE A 87 0.70 27.92 -1.63
N ARG A 88 0.47 27.08 -0.63
CA ARG A 88 0.83 25.67 -0.68
C ARG A 88 -0.46 24.91 -0.85
N THR A 89 -0.44 23.88 -1.67
CA THR A 89 -1.62 23.06 -1.81
C THR A 89 -1.23 21.64 -2.14
N SER A 90 -2.10 20.70 -1.77
CA SER A 90 -1.85 19.30 -2.02
C SER A 90 -1.73 19.07 -3.52
N ALA A 91 -0.78 18.25 -3.92
CA ALA A 91 -0.58 17.92 -5.32
C ALA A 91 -1.85 17.34 -5.94
N ALA A 92 -2.75 16.80 -5.12
CA ALA A 92 -3.98 16.22 -5.66
C ALA A 92 -5.02 17.27 -6.06
N ASP A 93 -4.85 18.51 -5.62
CA ASP A 93 -5.80 19.56 -5.98
C ASP A 93 -5.55 20.10 -7.39
N ILE A 94 -4.36 19.87 -7.91
CA ILE A 94 -3.99 20.44 -9.18
C ILE A 94 -3.50 19.36 -10.11
N TRP A 95 -3.31 19.73 -11.37
CA TRP A 95 -2.71 18.85 -12.34
C TRP A 95 -1.21 18.81 -12.10
N THR A 96 -0.62 17.65 -12.30
CA THR A 96 0.83 17.47 -12.19
C THR A 96 1.31 16.59 -13.33
N PRO A 97 2.52 16.86 -13.83
CA PRO A 97 3.04 16.07 -14.95
C PRO A 97 3.44 14.66 -14.56
N ASP A 98 3.26 13.72 -15.48
CA ASP A 98 3.59 12.31 -15.24
C ASP A 98 5.07 11.99 -15.50
N ILE A 99 5.97 12.73 -14.88
CA ILE A 99 7.40 12.51 -15.09
C ILE A 99 7.78 11.15 -14.54
N THR A 100 8.51 10.38 -15.34
CA THR A 100 8.80 8.99 -15.02
C THR A 100 10.23 8.65 -15.41
N ALA A 101 10.92 7.91 -14.54
CA ALA A 101 12.19 7.31 -14.93
C ALA A 101 11.92 6.21 -15.95
N TYR A 102 12.61 6.23 -17.09
CA TYR A 102 12.33 5.25 -18.14
C TYR A 102 12.99 3.89 -17.89
N SER A 103 13.97 3.84 -17.00
CA SER A 103 14.66 2.59 -16.72
C SER A 103 14.73 2.21 -15.24
N SER A 104 13.67 2.56 -14.50
CA SER A 104 13.55 2.07 -13.13
C SER A 104 13.37 0.56 -13.15
N THR A 105 13.66 -0.08 -12.02
CA THR A 105 13.45 -1.49 -11.85
C THR A 105 12.51 -1.79 -10.67
N ARG A 106 12.11 -0.74 -9.94
CA ARG A 106 11.12 -0.85 -8.86
C ARG A 106 10.30 0.41 -8.86
N PRO A 107 9.09 0.36 -8.31
CA PRO A 107 8.37 1.62 -8.21
C PRO A 107 9.16 2.61 -7.34
N VAL A 108 9.11 3.88 -7.72
CA VAL A 108 9.73 4.97 -6.98
C VAL A 108 9.15 5.06 -5.56
N GLN A 109 10.01 5.32 -4.58
CA GLN A 109 9.51 5.56 -3.22
C GLN A 109 9.65 7.05 -2.88
N VAL A 110 8.51 7.65 -2.56
CA VAL A 110 8.42 9.07 -2.29
C VAL A 110 8.80 9.34 -0.84
N LEU A 111 9.67 10.32 -0.63
CA LEU A 111 10.23 10.61 0.68
C LEU A 111 9.74 11.94 1.25
N SER A 112 8.94 12.67 0.48
CA SER A 112 8.52 14.00 0.90
C SER A 112 7.02 14.17 0.74
N PRO A 113 6.43 15.14 1.45
CA PRO A 113 4.97 15.24 1.35
C PRO A 113 4.51 15.72 -0.03
N GLN A 114 3.33 15.27 -0.42
CA GLN A 114 2.82 15.56 -1.75
C GLN A 114 2.11 16.91 -1.78
N ILE A 115 2.88 17.97 -1.68
CA ILE A 115 2.35 19.33 -1.67
C ILE A 115 3.18 20.18 -2.62
N ALA A 116 2.49 21.05 -3.35
CA ALA A 116 3.15 21.96 -4.30
C ALA A 116 3.01 23.41 -3.85
N VAL A 117 3.89 24.27 -4.36
CA VAL A 117 3.76 25.71 -4.15
C VAL A 117 3.32 26.39 -5.45
N VAL A 118 2.20 27.11 -5.40
CA VAL A 118 1.68 27.87 -6.52
C VAL A 118 1.86 29.37 -6.30
N THR A 119 2.34 30.08 -7.33
CA THR A 119 2.68 31.49 -7.21
C THR A 119 1.76 32.30 -8.12
N HIS A 120 1.49 33.57 -7.78
CA HIS A 120 0.47 34.39 -8.46
C HIS A 120 0.66 34.53 -9.97
N ASP A 121 1.86 34.28 -10.47
CA ASP A 121 2.09 34.35 -11.91
C ASP A 121 1.61 33.06 -12.57
N GLY A 122 1.00 32.18 -11.79
CA GLY A 122 0.51 30.91 -12.32
C GLY A 122 1.55 29.78 -12.35
N SER A 123 2.77 30.05 -11.90
CA SER A 123 3.78 28.99 -11.89
C SER A 123 3.63 28.04 -10.68
N VAL A 124 3.97 26.78 -10.90
CA VAL A 124 3.88 25.76 -9.86
C VAL A 124 5.25 25.14 -9.67
N MET A 125 5.60 24.94 -8.41
CA MET A 125 6.86 24.30 -8.06
C MET A 125 6.54 23.06 -7.23
N PHE A 126 6.88 21.88 -7.76
CA PHE A 126 6.66 20.62 -7.09
C PHE A 126 7.98 19.89 -7.04
N ILE A 127 8.39 19.47 -5.83
CA ILE A 127 9.71 18.86 -5.64
C ILE A 127 9.65 17.58 -4.79
N PRO A 128 9.28 16.46 -5.42
CA PRO A 128 9.30 15.18 -4.68
C PRO A 128 10.71 14.63 -4.50
N ALA A 129 11.04 14.30 -3.25
CA ALA A 129 12.26 13.59 -2.92
C ALA A 129 11.94 12.13 -3.14
N GLN A 130 12.85 11.39 -3.77
CA GLN A 130 12.56 10.02 -4.20
C GLN A 130 13.74 9.09 -3.97
N ARG A 131 13.45 7.81 -3.67
CA ARG A 131 14.45 6.77 -3.81
C ARG A 131 14.16 5.91 -5.05
N LEU A 132 15.14 5.85 -5.94
CA LEU A 132 14.98 5.21 -7.23
C LEU A 132 16.00 4.10 -7.43
N SER A 133 15.52 2.90 -7.78
CA SER A 133 16.36 1.82 -8.29
C SER A 133 16.26 1.81 -9.80
N PHE A 134 17.40 1.81 -10.47
CA PHE A 134 17.39 1.82 -11.92
C PHE A 134 18.52 0.95 -12.47
N MET A 135 18.47 0.66 -13.76
CA MET A 135 19.47 -0.19 -14.42
C MET A 135 20.82 0.52 -14.54
N CYS A 136 21.85 -0.09 -13.97
CA CYS A 136 23.16 0.53 -13.87
C CYS A 136 24.21 -0.54 -13.60
N ASP A 137 25.18 -0.66 -14.49
CA ASP A 137 26.28 -1.58 -14.28
C ASP A 137 27.36 -0.79 -13.55
N PRO A 138 27.67 -1.19 -12.32
CA PRO A 138 28.65 -0.47 -11.48
C PRO A 138 30.10 -0.94 -11.69
N THR A 139 30.34 -1.72 -12.74
CA THR A 139 31.68 -2.21 -13.02
C THR A 139 32.66 -1.04 -13.13
N GLY A 140 33.76 -1.12 -12.38
CA GLY A 140 34.74 -0.05 -12.36
C GLY A 140 34.55 0.90 -11.18
N VAL A 141 33.51 0.68 -10.38
CA VAL A 141 33.24 1.59 -9.26
C VAL A 141 34.38 1.56 -8.24
N ASP A 142 35.08 0.43 -8.16
CA ASP A 142 36.22 0.30 -7.27
C ASP A 142 37.53 0.64 -7.96
N SER A 143 37.49 1.59 -8.89
CA SER A 143 38.71 2.05 -9.57
C SER A 143 38.79 3.57 -9.48
N GLU A 144 39.83 4.15 -10.07
CA GLU A 144 39.99 5.61 -10.05
C GLU A 144 39.03 6.28 -11.04
N GLU A 145 38.83 5.60 -12.16
CA GLU A 145 37.94 6.07 -13.23
C GLU A 145 36.46 5.93 -12.87
N GLY A 146 36.16 5.03 -11.92
CA GLY A 146 34.79 4.83 -11.47
C GLY A 146 33.81 4.33 -12.52
N ALA A 147 32.55 4.22 -12.12
CA ALA A 147 31.49 3.77 -13.02
C ALA A 147 30.68 4.94 -13.56
N THR A 148 29.99 4.69 -14.66
CA THR A 148 29.14 5.69 -15.27
C THR A 148 27.80 5.05 -15.52
N CYS A 149 26.74 5.69 -15.07
CA CYS A 149 25.40 5.20 -15.37
C CYS A 149 24.53 6.38 -15.76
N ALA A 150 23.47 6.10 -16.52
CA ALA A 150 22.54 7.14 -16.95
C ALA A 150 21.11 6.66 -16.81
N VAL A 151 20.20 7.59 -16.54
CA VAL A 151 18.78 7.29 -16.56
C VAL A 151 18.00 8.48 -17.15
N LYS A 152 17.06 8.19 -18.05
CA LYS A 152 16.23 9.23 -18.68
C LYS A 152 14.92 9.46 -17.93
N PHE A 153 14.49 10.72 -17.88
CA PHE A 153 13.22 11.10 -17.26
C PHE A 153 12.36 11.84 -18.27
N GLY A 154 11.09 11.49 -18.37
CA GLY A 154 10.18 12.21 -19.24
C GLY A 154 8.73 11.81 -19.01
N SER A 155 7.83 12.46 -19.72
CA SER A 155 6.42 12.09 -19.67
C SER A 155 6.27 10.64 -20.14
N TRP A 156 5.35 9.90 -19.53
CA TRP A 156 5.06 8.55 -20.03
C TRP A 156 4.10 8.61 -21.21
N VAL A 157 3.09 9.49 -21.13
CA VAL A 157 1.99 9.46 -22.10
C VAL A 157 1.85 10.70 -23.00
N TYR A 158 2.59 11.78 -22.69
CA TYR A 158 2.58 12.97 -23.55
C TYR A 158 3.85 13.10 -24.39
N SER A 159 3.68 13.24 -25.70
CA SER A 159 4.84 13.45 -26.57
C SER A 159 5.30 14.90 -26.48
N GLY A 160 6.35 15.23 -27.23
CA GLY A 160 6.86 16.58 -27.30
C GLY A 160 5.88 17.62 -27.85
N PHE A 161 4.80 17.15 -28.45
CA PHE A 161 3.78 18.04 -28.98
C PHE A 161 2.89 18.57 -27.87
N GLU A 162 2.81 17.86 -26.75
CA GLU A 162 2.00 18.33 -25.64
C GLU A 162 2.87 18.81 -24.49
N ILE A 163 3.98 18.13 -24.26
CA ILE A 163 4.87 18.51 -23.19
C ILE A 163 6.28 18.60 -23.69
N ASP A 164 6.86 19.79 -23.54
CA ASP A 164 8.28 19.96 -23.82
C ASP A 164 8.96 20.00 -22.45
N LEU A 165 10.25 19.67 -22.41
CA LEU A 165 11.01 19.72 -21.17
C LEU A 165 12.17 20.68 -21.32
N LYS A 166 12.65 21.21 -20.21
CA LYS A 166 13.89 21.96 -20.21
C LYS A 166 14.59 21.82 -18.87
N THR A 167 15.89 22.13 -18.85
CA THR A 167 16.60 22.29 -17.59
C THR A 167 17.01 23.76 -17.43
N ASP A 168 17.19 24.20 -16.18
CA ASP A 168 17.74 25.53 -15.91
C ASP A 168 19.26 25.48 -15.98
N THR A 169 19.80 24.28 -15.78
CA THR A 169 21.24 24.04 -15.91
C THR A 169 21.48 22.57 -16.26
N ASP A 170 22.65 22.28 -16.85
CA ASP A 170 22.98 20.90 -17.19
C ASP A 170 23.87 20.31 -16.11
N GLN A 171 24.11 21.11 -15.07
CA GLN A 171 24.87 20.65 -13.93
C GLN A 171 23.93 20.22 -12.80
N VAL A 172 23.99 18.95 -12.44
CA VAL A 172 23.24 18.43 -11.29
C VAL A 172 23.68 19.16 -10.01
N ASP A 173 22.72 19.59 -9.20
CA ASP A 173 23.03 20.19 -7.92
C ASP A 173 23.60 19.10 -7.02
N LEU A 174 24.86 19.25 -6.64
CA LEU A 174 25.53 18.33 -5.73
C LEU A 174 25.75 18.95 -4.35
N SER A 175 25.16 20.11 -4.10
CA SER A 175 25.49 20.84 -2.88
C SER A 175 24.93 20.18 -1.63
N SER A 176 24.12 19.14 -1.82
CA SER A 176 23.52 18.42 -0.70
C SER A 176 23.90 16.96 -0.76
N TYR A 177 24.87 16.62 -1.58
CA TYR A 177 25.30 15.23 -1.62
C TYR A 177 25.88 14.84 -0.26
N TYR A 178 25.45 13.69 0.23
CA TYR A 178 25.85 13.19 1.54
C TYR A 178 27.37 12.97 1.62
N ALA A 179 28.05 13.80 2.41
CA ALA A 179 29.50 13.76 2.45
C ALA A 179 30.08 12.43 2.93
N SER A 180 29.29 11.58 3.58
CA SER A 180 29.84 10.29 4.01
C SER A 180 29.21 9.08 3.32
N SER A 181 28.68 9.31 2.12
CA SER A 181 28.16 8.23 1.28
C SER A 181 29.26 7.22 0.98
N LYS A 182 28.87 5.97 0.72
CA LYS A 182 29.83 4.97 0.28
C LYS A 182 30.38 5.36 -1.08
N TYR A 183 29.71 6.29 -1.77
CA TYR A 183 30.16 6.67 -3.10
C TYR A 183 30.42 8.17 -3.29
N GLU A 184 31.54 8.47 -3.92
CA GLU A 184 31.92 9.82 -4.22
C GLU A 184 31.42 10.13 -5.62
N ILE A 185 30.88 11.32 -5.85
CA ILE A 185 30.47 11.71 -7.19
C ILE A 185 31.60 12.41 -7.94
N LEU A 186 31.95 11.88 -9.11
CA LEU A 186 32.92 12.51 -9.98
C LEU A 186 32.28 13.54 -10.90
N SER A 187 31.08 13.24 -11.37
CA SER A 187 30.27 14.23 -12.10
C SER A 187 28.86 13.74 -12.27
N ALA A 188 27.95 14.69 -12.42
CA ALA A 188 26.55 14.41 -12.69
C ALA A 188 25.96 15.54 -13.55
N THR A 189 25.44 15.18 -14.71
CA THR A 189 24.82 16.15 -15.60
C THR A 189 23.38 15.75 -15.90
N GLN A 190 22.60 16.72 -16.37
CA GLN A 190 21.20 16.53 -16.70
C GLN A 190 20.96 17.29 -17.99
N THR A 191 20.65 16.56 -19.05
CA THR A 191 20.70 17.14 -20.39
C THR A 191 19.43 16.79 -21.16
N ARG A 192 18.75 17.81 -21.67
CA ARG A 192 17.57 17.61 -22.50
C ARG A 192 17.95 16.86 -23.76
N GLN A 193 17.12 15.90 -24.15
CA GLN A 193 17.31 15.17 -25.41
C GLN A 193 16.01 15.05 -26.18
N VAL A 194 16.16 14.98 -27.49
CA VAL A 194 15.04 14.81 -28.40
C VAL A 194 15.36 13.64 -29.30
N GLN A 195 14.39 12.78 -29.54
CA GLN A 195 14.55 11.78 -30.57
C GLN A 195 13.22 11.39 -31.17
N HIS A 196 13.29 10.62 -32.26
CA HIS A 196 12.10 10.05 -32.89
C HIS A 196 12.26 8.55 -32.99
N TYR A 197 11.14 7.88 -33.27
CA TYR A 197 11.17 6.46 -33.54
C TYR A 197 10.52 6.26 -34.89
N SER A 198 11.06 5.32 -35.68
CA SER A 198 10.66 5.16 -37.08
C SER A 198 9.14 5.03 -37.27
N CYS A 199 8.46 4.47 -36.29
CA CYS A 199 7.00 4.43 -36.29
C CYS A 199 6.41 5.84 -36.37
N CYS A 200 6.69 6.65 -35.35
CA CYS A 200 5.91 7.86 -35.12
C CYS A 200 6.58 9.13 -35.67
N PRO A 201 5.76 10.12 -36.04
CA PRO A 201 6.28 11.44 -36.44
C PRO A 201 6.45 12.38 -35.24
N GLU A 202 5.75 12.11 -34.15
CA GLU A 202 5.88 12.95 -32.96
C GLU A 202 7.24 12.73 -32.28
N PRO A 203 7.98 13.82 -32.04
CA PRO A 203 9.27 13.71 -31.34
C PRO A 203 9.08 13.38 -29.85
N TYR A 204 10.08 12.75 -29.26
CA TYR A 204 10.08 12.44 -27.84
C TYR A 204 11.20 13.14 -27.09
N ILE A 205 10.84 13.74 -25.97
CA ILE A 205 11.75 14.57 -25.17
C ILE A 205 12.01 13.91 -23.83
N ASP A 206 13.28 13.83 -23.43
CA ASP A 206 13.61 13.41 -22.07
C ASP A 206 14.71 14.29 -21.52
N VAL A 207 14.97 14.15 -20.24
CA VAL A 207 16.16 14.72 -19.64
C VAL A 207 17.02 13.54 -19.19
N ASN A 208 18.26 13.51 -19.65
CA ASN A 208 19.15 12.39 -19.37
C ASN A 208 20.02 12.70 -18.17
N LEU A 209 19.94 11.84 -17.15
CA LEU A 209 20.71 12.05 -15.93
C LEU A 209 21.92 11.14 -15.95
N VAL A 210 23.11 11.70 -16.09
CA VAL A 210 24.33 10.88 -16.22
C VAL A 210 25.20 11.05 -14.99
N VAL A 211 25.52 9.94 -14.32
CA VAL A 211 26.28 10.00 -13.09
C VAL A 211 27.56 9.17 -13.22
N LYS A 212 28.68 9.80 -12.88
CA LYS A 212 29.95 9.11 -12.76
C LYS A 212 30.35 9.11 -11.28
N PHE A 213 30.67 7.95 -10.74
CA PHE A 213 30.87 7.80 -9.30
C PHE A 213 31.80 6.63 -9.01
N ARG A 214 32.38 6.62 -7.82
CA ARG A 214 33.30 5.56 -7.44
C ARG A 214 33.25 5.34 -5.94
N GLU A 215 33.70 4.16 -5.51
CA GLU A 215 33.82 3.86 -4.11
C GLU A 215 34.67 4.92 -3.47
N ARG A 216 34.21 5.44 -2.34
CA ARG A 216 34.91 6.52 -1.65
C ARG A 216 36.19 5.97 -0.98
N ARG A 217 37.20 6.83 -0.83
CA ARG A 217 38.42 6.46 -0.13
C ARG A 217 38.73 7.42 1.03
N ASP B 5 -27.14 8.20 33.51
CA ASP B 5 -26.79 7.61 32.23
C ASP B 5 -27.27 8.50 31.08
N ASP B 6 -28.36 9.21 31.34
CA ASP B 6 -28.84 10.23 30.43
C ASP B 6 -27.78 11.30 30.36
N ASP B 7 -27.04 11.45 31.47
CA ASP B 7 -25.90 12.33 31.57
C ASP B 7 -24.78 11.93 30.60
N LYS B 8 -24.52 10.62 30.53
CA LYS B 8 -23.52 10.10 29.60
C LYS B 8 -23.97 10.34 28.15
N LEU B 9 -25.23 10.04 27.87
CA LEU B 9 -25.81 10.34 26.57
C LEU B 9 -25.64 11.82 26.22
N HIS B 10 -25.80 12.68 27.22
CA HIS B 10 -25.71 14.12 26.99
C HIS B 10 -24.29 14.63 26.70
N SER B 11 -23.30 14.08 27.41
CA SER B 11 -21.91 14.43 27.15
C SER B 11 -21.54 14.05 25.71
N GLN B 12 -21.91 12.83 25.30
CA GLN B 12 -21.67 12.36 23.94
C GLN B 12 -22.27 13.31 22.90
N ALA B 13 -23.46 13.83 23.18
CA ALA B 13 -24.11 14.75 22.25
C ALA B 13 -23.38 16.10 22.17
N ASN B 14 -22.88 16.56 23.31
CA ASN B 14 -22.07 17.76 23.32
C ASN B 14 -20.76 17.60 22.53
N LEU B 15 -20.08 16.47 22.73
CA LEU B 15 -18.84 16.20 22.00
C LEU B 15 -19.08 16.18 20.49
N MET B 16 -20.23 15.65 20.07
CA MET B 16 -20.51 15.58 18.64
C MET B 16 -20.83 16.95 18.08
N ARG B 17 -21.52 17.75 18.89
CA ARG B 17 -21.89 19.11 18.52
C ARG B 17 -20.64 20.00 18.39
N LEU B 18 -19.73 19.85 19.35
CA LEU B 18 -18.45 20.57 19.28
C LEU B 18 -17.69 20.25 17.99
N LYS B 19 -17.45 18.96 17.76
CA LYS B 19 -16.69 18.52 16.58
C LYS B 19 -17.33 19.03 15.27
N SER B 20 -18.65 19.01 15.22
CA SER B 20 -19.35 19.48 14.04
C SER B 20 -19.28 20.99 13.94
N ASP B 21 -19.28 21.68 15.07
CA ASP B 21 -19.12 23.12 15.10
C ASP B 21 -17.70 23.54 14.68
N LEU B 22 -16.71 22.78 15.13
CA LEU B 22 -15.31 23.10 14.83
C LEU B 22 -14.96 22.84 13.38
N PHE B 23 -15.42 21.72 12.85
CA PHE B 23 -15.06 21.33 11.49
C PHE B 23 -16.22 21.66 10.54
N ASN B 24 -17.12 20.70 10.35
CA ASN B 24 -18.27 20.84 9.46
C ASN B 24 -19.16 22.02 9.82
N ARG B 25 -18.59 23.23 9.82
CA ARG B 25 -19.27 24.45 10.23
C ARG B 25 -18.26 25.58 10.09
N SER B 26 -16.99 25.20 10.00
CA SER B 26 -15.89 26.13 9.81
C SER B 26 -14.90 25.57 8.80
N PRO B 27 -14.81 26.22 7.61
CA PRO B 27 -14.09 25.69 6.43
C PRO B 27 -12.63 25.41 6.72
N MET B 28 -12.20 24.17 6.48
CA MET B 28 -10.88 23.67 6.92
C MET B 28 -9.72 24.68 6.79
N TYR B 29 -8.85 24.67 7.79
CA TYR B 29 -7.73 25.62 7.89
C TYR B 29 -6.79 25.43 6.71
N PRO B 30 -6.51 26.53 5.99
CA PRO B 30 -5.78 26.50 4.72
C PRO B 30 -4.27 26.40 4.93
N GLY B 31 -3.83 26.41 6.18
CA GLY B 31 -2.42 26.34 6.47
C GLY B 31 -1.93 27.71 6.89
N PRO B 32 -0.71 27.78 7.42
CA PRO B 32 -0.16 29.05 7.90
C PRO B 32 0.25 29.92 6.72
N THR B 33 0.48 31.20 6.98
CA THR B 33 0.87 32.14 5.94
C THR B 33 1.85 33.16 6.50
N LYS B 34 2.41 33.97 5.62
CA LYS B 34 3.33 35.04 5.98
C LYS B 34 2.74 35.89 7.11
N ASP B 35 1.46 36.25 6.95
CA ASP B 35 0.76 37.10 7.91
C ASP B 35 0.19 36.31 9.09
N ASP B 36 -0.10 35.04 8.87
CA ASP B 36 -0.57 34.19 9.97
C ASP B 36 0.42 33.05 10.19
N PRO B 37 1.62 33.37 10.69
CA PRO B 37 2.60 32.27 10.80
C PRO B 37 2.32 31.41 12.03
N LEU B 38 2.89 30.20 12.01
CA LEU B 38 2.64 29.23 13.07
C LEU B 38 3.94 28.67 13.64
N THR B 39 4.00 28.49 14.96
CA THR B 39 5.15 27.87 15.58
C THR B 39 4.86 26.42 15.93
N VAL B 40 5.69 25.51 15.44
CA VAL B 40 5.52 24.09 15.76
C VAL B 40 6.59 23.68 16.73
N THR B 41 6.19 23.06 17.83
CA THR B 41 7.15 22.56 18.79
C THR B 41 7.42 21.09 18.54
N LEU B 42 8.69 20.72 18.55
CA LEU B 42 9.13 19.37 18.27
C LEU B 42 9.93 18.83 19.46
N GLY B 43 9.70 17.56 19.80
CA GLY B 43 10.53 16.85 20.76
C GLY B 43 10.65 15.41 20.31
N PHE B 44 11.82 14.83 20.47
CA PHE B 44 12.00 13.45 20.10
C PHE B 44 12.22 12.59 21.32
N THR B 45 11.65 11.40 21.28
CA THR B 45 11.88 10.41 22.30
C THR B 45 12.47 9.19 21.60
N LEU B 46 13.76 8.98 21.79
CA LEU B 46 14.48 7.92 21.09
C LEU B 46 14.27 6.58 21.79
N GLN B 47 13.75 5.61 21.06
CA GLN B 47 13.44 4.32 21.67
C GLN B 47 14.47 3.26 21.30
N ASP B 48 14.96 3.27 20.07
CA ASP B 48 15.88 2.21 19.67
C ASP B 48 16.69 2.62 18.45
N ILE B 49 17.96 2.23 18.44
CA ILE B 49 18.71 2.15 17.20
C ILE B 49 18.65 0.68 16.80
N VAL B 50 17.88 0.36 15.77
CA VAL B 50 17.61 -1.03 15.45
C VAL B 50 18.77 -1.64 14.70
N LYS B 51 19.29 -0.88 13.74
CA LYS B 51 20.22 -1.42 12.77
C LYS B 51 21.19 -0.36 12.24
N ALA B 52 22.45 -0.73 12.06
CA ALA B 52 23.45 0.14 11.43
C ALA B 52 24.11 -0.61 10.28
N ASP B 53 23.76 -0.24 9.06
CA ASP B 53 24.24 -0.93 7.87
C ASP B 53 25.46 -0.21 7.33
N SER B 54 26.63 -0.82 7.48
CA SER B 54 27.87 -0.20 7.04
C SER B 54 28.16 -0.43 5.55
N SER B 55 27.39 -1.31 4.91
CA SER B 55 27.59 -1.53 3.49
C SER B 55 26.85 -0.50 2.63
N THR B 56 25.89 0.20 3.24
CA THR B 56 25.13 1.23 2.53
C THR B 56 25.11 2.61 3.24
N ASN B 57 25.70 2.68 4.43
CA ASN B 57 25.62 3.87 5.28
C ASN B 57 24.20 4.34 5.53
N GLU B 58 23.39 3.42 6.03
CA GLU B 58 22.04 3.72 6.48
C GLU B 58 21.89 3.21 7.89
N VAL B 59 21.24 4.00 8.74
CA VAL B 59 20.93 3.57 10.10
C VAL B 59 19.42 3.70 10.34
N ASP B 60 18.87 2.76 11.11
CA ASP B 60 17.44 2.69 11.36
C ASP B 60 17.10 3.05 12.80
N LEU B 61 16.26 4.06 12.96
CA LEU B 61 15.88 4.55 14.28
C LEU B 61 14.42 4.27 14.52
N VAL B 62 14.06 3.96 15.75
CA VAL B 62 12.67 3.98 16.17
C VAL B 62 12.52 5.05 17.24
N TYR B 63 11.58 5.98 17.04
CA TYR B 63 11.39 7.07 18.00
C TYR B 63 9.96 7.57 17.95
N TYR B 64 9.57 8.30 19.01
CA TYR B 64 8.31 9.02 19.02
C TYR B 64 8.65 10.47 18.69
N GLU B 65 7.92 11.06 17.75
CA GLU B 65 8.13 12.47 17.45
C GLU B 65 6.98 13.31 17.96
N GLN B 66 7.20 14.05 19.04
CA GLN B 66 6.16 14.93 19.57
C GLN B 66 6.04 16.22 18.77
N GLN B 67 4.81 16.54 18.36
CA GLN B 67 4.51 17.78 17.65
C GLN B 67 3.41 18.53 18.39
N ARG B 68 3.61 19.83 18.60
CA ARG B 68 2.57 20.67 19.20
C ARG B 68 2.47 22.00 18.47
N TRP B 69 1.25 22.46 18.30
CA TRP B 69 0.99 23.77 17.71
C TRP B 69 -0.37 24.28 18.20
N LYS B 70 -0.70 25.54 17.90
CA LYS B 70 -1.96 26.12 18.36
C LYS B 70 -2.66 26.95 17.29
N LEU B 71 -3.98 26.76 17.16
CA LEU B 71 -4.78 27.47 16.16
C LEU B 71 -5.99 28.14 16.81
N ASN B 72 -6.24 29.39 16.42
CA ASN B 72 -7.42 30.10 16.91
C ASN B 72 -8.69 29.44 16.42
N SER B 73 -8.60 28.81 15.25
CA SER B 73 -9.77 28.21 14.63
C SER B 73 -10.18 26.90 15.28
N LEU B 74 -9.44 26.47 16.30
CA LEU B 74 -9.79 25.25 17.01
C LEU B 74 -10.14 25.53 18.46
N MET B 75 -10.27 26.79 18.84
CA MET B 75 -10.61 27.07 20.23
C MET B 75 -12.12 27.19 20.46
N TRP B 76 -12.53 26.81 21.67
CA TRP B 76 -13.91 26.88 22.09
C TRP B 76 -13.97 27.12 23.61
N ASP B 77 -15.08 27.69 24.06
CA ASP B 77 -15.36 27.83 25.48
C ASP B 77 -16.12 26.58 25.92
N PRO B 78 -15.52 25.82 26.84
CA PRO B 78 -16.10 24.60 27.41
C PRO B 78 -17.52 24.80 27.92
N ASN B 79 -17.80 25.97 28.48
CA ASN B 79 -19.11 26.29 29.04
C ASN B 79 -20.24 26.22 28.03
N GLU B 80 -19.91 26.27 26.75
CA GLU B 80 -20.90 26.19 25.69
C GLU B 80 -21.04 24.76 25.19
N TYR B 81 -20.23 23.86 25.75
CA TYR B 81 -20.19 22.47 25.28
C TYR B 81 -20.01 21.47 26.43
N GLY B 82 -20.75 21.66 27.51
CA GLY B 82 -20.77 20.71 28.60
C GLY B 82 -19.44 20.56 29.30
N ASN B 83 -18.67 21.65 29.28
CA ASN B 83 -17.28 21.70 29.79
C ASN B 83 -16.34 20.61 29.30
N ILE B 84 -16.45 20.23 28.03
CA ILE B 84 -15.41 19.42 27.45
C ILE B 84 -14.19 20.31 27.32
N THR B 85 -13.05 19.83 27.83
CA THR B 85 -11.82 20.60 27.75
C THR B 85 -10.97 20.15 26.57
N ASP B 86 -11.22 18.94 26.09
CA ASP B 86 -10.39 18.35 25.04
C ASP B 86 -11.03 17.10 24.45
N PHE B 87 -10.55 16.71 23.28
CA PHE B 87 -11.01 15.50 22.65
C PHE B 87 -9.92 14.87 21.77
N ARG B 88 -10.13 13.61 21.44
CA ARG B 88 -9.26 12.90 20.53
C ARG B 88 -9.93 12.91 19.17
N THR B 89 -9.16 13.06 18.11
CA THR B 89 -9.74 13.01 16.76
C THR B 89 -8.74 12.51 15.77
N SER B 90 -9.23 11.83 14.73
CA SER B 90 -8.37 11.35 13.68
C SER B 90 -7.54 12.50 13.12
N ALA B 91 -6.27 12.24 12.83
CA ALA B 91 -5.39 13.28 12.31
C ALA B 91 -5.83 13.76 10.92
N ALA B 92 -6.72 13.01 10.28
CA ALA B 92 -7.24 13.42 8.97
C ALA B 92 -8.27 14.53 9.07
N ASP B 93 -8.82 14.76 10.26
CA ASP B 93 -9.90 15.73 10.43
C ASP B 93 -9.38 17.14 10.59
N ILE B 94 -8.07 17.28 10.70
CA ILE B 94 -7.46 18.58 10.98
C ILE B 94 -6.22 18.75 10.13
N TRP B 95 -5.76 19.99 10.03
CA TRP B 95 -4.47 20.25 9.42
C TRP B 95 -3.35 19.72 10.32
N THR B 96 -2.36 19.09 9.72
CA THR B 96 -1.14 18.72 10.44
C THR B 96 0.09 19.24 9.69
N PRO B 97 1.17 19.54 10.42
CA PRO B 97 2.39 20.07 9.79
C PRO B 97 3.13 19.01 8.99
N ASP B 98 3.79 19.45 7.92
CA ASP B 98 4.42 18.49 7.02
C ASP B 98 5.87 18.22 7.45
N ILE B 99 6.05 17.91 8.73
CA ILE B 99 7.39 17.70 9.26
C ILE B 99 8.08 16.51 8.62
N THR B 100 9.28 16.74 8.09
CA THR B 100 9.95 15.76 7.26
C THR B 100 11.43 15.62 7.60
N ALA B 101 11.92 14.38 7.66
CA ALA B 101 13.38 14.15 7.75
C ALA B 101 14.00 14.45 6.40
N TYR B 102 15.10 15.20 6.41
CA TYR B 102 15.68 15.69 5.16
C TYR B 102 16.62 14.69 4.49
N SER B 103 17.07 13.69 5.24
CA SER B 103 18.01 12.71 4.71
C SER B 103 17.60 11.25 4.94
N SER B 104 16.29 11.00 4.98
CA SER B 104 15.78 9.63 4.93
C SER B 104 16.19 8.96 3.61
N THR B 105 16.26 7.63 3.61
CA THR B 105 16.59 6.89 2.42
C THR B 105 15.46 5.92 2.06
N ARG B 106 14.44 5.89 2.92
CA ARG B 106 13.27 5.03 2.74
CA ARG B 106 13.25 5.05 2.70
C ARG B 106 12.07 5.80 3.27
N PRO B 107 10.87 5.51 2.76
CA PRO B 107 9.73 6.22 3.35
C PRO B 107 9.57 5.80 4.81
N VAL B 108 9.19 6.77 5.64
CA VAL B 108 8.98 6.55 7.05
C VAL B 108 7.87 5.52 7.26
N GLN B 109 8.04 4.64 8.23
CA GLN B 109 6.97 3.69 8.53
C GLN B 109 6.39 4.09 9.87
N VAL B 110 5.06 4.23 9.88
CA VAL B 110 4.32 4.81 11.01
C VAL B 110 3.92 3.69 11.96
N LEU B 111 4.16 3.87 13.27
CA LEU B 111 3.99 2.76 14.21
C LEU B 111 2.82 2.98 15.15
N SER B 112 2.26 4.19 15.13
CA SER B 112 1.21 4.58 16.06
C SER B 112 -0.04 5.02 15.29
N PRO B 113 -1.21 4.94 15.94
CA PRO B 113 -2.47 5.41 15.32
C PRO B 113 -2.42 6.91 14.99
N GLN B 114 -3.01 7.28 13.87
CA GLN B 114 -2.97 8.67 13.42
C GLN B 114 -4.11 9.49 14.00
N ILE B 115 -3.98 9.77 15.29
CA ILE B 115 -5.03 10.41 16.08
C ILE B 115 -4.32 11.45 16.93
N ALA B 116 -4.92 12.62 17.05
CA ALA B 116 -4.32 13.69 17.84
C ALA B 116 -5.26 14.12 18.98
N VAL B 117 -4.75 14.96 19.86
CA VAL B 117 -5.53 15.47 20.98
C VAL B 117 -5.63 16.96 20.83
N VAL B 118 -6.85 17.47 20.79
CA VAL B 118 -7.07 18.91 20.67
C VAL B 118 -7.65 19.41 21.99
N THR B 119 -7.17 20.55 22.47
CA THR B 119 -7.65 21.11 23.72
C THR B 119 -8.29 22.47 23.43
N HIS B 120 -9.19 22.90 24.32
CA HIS B 120 -10.04 24.07 24.10
C HIS B 120 -9.29 25.38 23.83
N ASP B 121 -8.04 25.45 24.28
CA ASP B 121 -7.22 26.63 23.98
C ASP B 121 -6.77 26.67 22.51
N GLY B 122 -7.19 25.67 21.72
CA GLY B 122 -6.85 25.65 20.31
C GLY B 122 -5.56 24.90 20.01
N SER B 123 -4.90 24.40 21.06
CA SER B 123 -3.65 23.71 20.86
C SER B 123 -3.85 22.23 20.52
N VAL B 124 -2.88 21.67 19.82
CA VAL B 124 -2.99 20.30 19.33
C VAL B 124 -1.70 19.57 19.66
N MET B 125 -1.83 18.31 20.02
CA MET B 125 -0.67 17.48 20.24
C MET B 125 -0.81 16.24 19.37
N PHE B 126 0.21 15.96 18.58
CA PHE B 126 0.22 14.80 17.71
C PHE B 126 1.57 14.16 17.86
N ILE B 127 1.58 12.86 18.15
CA ILE B 127 2.83 12.16 18.45
C ILE B 127 2.97 10.86 17.66
N PRO B 128 3.37 10.95 16.38
CA PRO B 128 3.53 9.71 15.61
C PRO B 128 4.80 8.97 15.98
N ALA B 129 4.67 7.67 16.19
CA ALA B 129 5.84 6.83 16.38
C ALA B 129 6.31 6.36 15.00
N GLN B 130 7.63 6.32 14.79
CA GLN B 130 8.17 6.09 13.45
C GLN B 130 9.39 5.18 13.44
N ARG B 131 9.54 4.39 12.38
CA ARG B 131 10.84 3.82 12.09
C ARG B 131 11.39 4.53 10.87
N LEU B 132 12.63 5.00 10.98
CA LEU B 132 13.28 5.81 9.94
C LEU B 132 14.61 5.21 9.55
N SER B 133 14.86 5.07 8.26
CA SER B 133 16.20 4.83 7.75
C SER B 133 16.74 6.16 7.24
N PHE B 134 17.93 6.54 7.66
CA PHE B 134 18.52 7.81 7.22
C PHE B 134 20.02 7.69 6.95
N MET B 135 20.57 8.67 6.22
CA MET B 135 21.98 8.64 5.82
C MET B 135 22.91 8.79 7.03
N CYS B 136 23.76 7.78 7.23
CA CYS B 136 24.59 7.73 8.43
C CYS B 136 25.72 6.72 8.30
N ASP B 137 26.95 7.22 8.45
CA ASP B 137 28.17 6.39 8.44
C ASP B 137 28.43 5.87 9.86
N PRO B 138 28.23 4.56 10.07
CA PRO B 138 28.40 4.01 11.43
C PRO B 138 29.85 3.60 11.70
N THR B 139 30.78 4.13 10.91
CA THR B 139 32.21 3.90 11.13
C THR B 139 32.59 4.34 12.52
N GLY B 140 33.25 3.45 13.27
CA GLY B 140 33.71 3.77 14.61
C GLY B 140 32.74 3.37 15.70
N VAL B 141 31.68 2.66 15.31
CA VAL B 141 30.61 2.30 16.24
C VAL B 141 31.09 1.18 17.19
N ASP B 142 32.04 0.40 16.71
CA ASP B 142 32.67 -0.66 17.48
C ASP B 142 33.95 -0.18 18.17
N SER B 143 33.94 1.06 18.65
CA SER B 143 35.08 1.63 19.35
C SER B 143 34.58 2.44 20.54
N GLU B 144 35.50 2.87 21.40
CA GLU B 144 35.17 3.64 22.57
CA GLU B 144 35.10 3.62 22.58
C GLU B 144 34.51 4.98 22.24
N GLU B 145 34.98 5.61 21.18
CA GLU B 145 34.45 6.93 20.82
C GLU B 145 33.07 6.85 20.17
N GLY B 146 32.77 5.69 19.58
CA GLY B 146 31.49 5.48 18.94
C GLY B 146 31.36 6.17 17.59
N ALA B 147 30.15 6.18 17.07
CA ALA B 147 29.85 6.84 15.81
C ALA B 147 28.94 8.02 16.09
N THR B 148 28.99 9.00 15.20
CA THR B 148 28.13 10.16 15.33
C THR B 148 27.39 10.31 14.01
N CYS B 149 26.07 10.47 14.09
CA CYS B 149 25.31 10.81 12.89
C CYS B 149 24.27 11.88 13.20
N ALA B 150 23.72 12.48 12.15
CA ALA B 150 22.77 13.56 12.32
C ALA B 150 21.72 13.50 11.23
N VAL B 151 20.54 14.01 11.53
CA VAL B 151 19.47 14.12 10.54
C VAL B 151 18.57 15.28 10.89
N LYS B 152 18.31 16.15 9.91
CA LYS B 152 17.47 17.33 10.10
C LYS B 152 16.00 16.98 9.89
N PHE B 153 15.13 17.67 10.61
CA PHE B 153 13.69 17.57 10.43
C PHE B 153 13.14 18.97 10.24
N GLY B 154 12.19 19.11 9.33
CA GLY B 154 11.54 20.40 9.16
C GLY B 154 10.41 20.31 8.15
N SER B 155 9.68 21.40 7.95
CA SER B 155 8.68 21.45 6.89
C SER B 155 9.34 21.21 5.52
N TRP B 156 8.61 20.59 4.60
CA TRP B 156 9.17 20.40 3.28
C TRP B 156 8.82 21.62 2.45
N VAL B 157 7.62 22.18 2.63
CA VAL B 157 7.15 23.22 1.73
C VAL B 157 6.97 24.61 2.34
N TYR B 158 7.05 24.73 3.66
CA TYR B 158 6.93 26.04 4.28
C TYR B 158 8.23 26.55 4.84
N SER B 159 8.54 27.81 4.59
CA SER B 159 9.75 28.38 5.14
C SER B 159 9.52 29.01 6.51
N GLY B 160 10.59 29.61 7.02
CA GLY B 160 10.58 30.30 8.30
C GLY B 160 9.57 31.43 8.36
N PHE B 161 9.13 31.92 7.20
CA PHE B 161 8.12 32.97 7.17
C PHE B 161 6.71 32.43 7.44
N GLU B 162 6.53 31.12 7.29
CA GLU B 162 5.22 30.49 7.55
C GLU B 162 5.25 29.53 8.74
N ILE B 163 6.30 28.73 8.83
CA ILE B 163 6.41 27.82 9.96
C ILE B 163 7.72 28.00 10.69
N ASP B 164 7.63 28.41 11.95
CA ASP B 164 8.80 28.40 12.83
C ASP B 164 8.79 27.13 13.66
N LEU B 165 9.97 26.65 14.05
CA LEU B 165 10.08 25.50 14.91
C LEU B 165 10.69 25.91 16.24
N LYS B 166 10.50 25.07 17.23
CA LYS B 166 11.05 25.29 18.55
C LYS B 166 11.18 23.94 19.23
N THR B 167 12.15 23.83 20.13
CA THR B 167 12.22 22.70 21.03
C THR B 167 12.02 23.23 22.43
N ASP B 168 11.45 22.41 23.32
CA ASP B 168 11.38 22.76 24.74
C ASP B 168 12.69 22.49 25.44
N THR B 169 13.52 21.64 24.84
CA THR B 169 14.85 21.40 25.37
C THR B 169 15.73 20.85 24.29
N ASP B 170 17.04 20.95 24.49
CA ASP B 170 17.96 20.53 23.44
C ASP B 170 18.43 19.11 23.67
N GLN B 171 17.92 18.50 24.73
CA GLN B 171 18.23 17.11 25.04
C GLN B 171 17.10 16.21 24.53
N VAL B 172 17.47 15.23 23.73
CA VAL B 172 16.54 14.19 23.32
C VAL B 172 16.14 13.37 24.55
N ASP B 173 14.85 13.03 24.66
CA ASP B 173 14.39 12.20 25.75
C ASP B 173 14.85 10.75 25.57
N LEU B 174 15.65 10.24 26.53
CA LEU B 174 16.17 8.88 26.46
C LEU B 174 15.58 7.94 27.50
N SER B 175 14.57 8.41 28.24
CA SER B 175 14.05 7.61 29.35
C SER B 175 13.32 6.34 28.89
N SER B 176 12.91 6.29 27.63
CA SER B 176 12.30 5.07 27.10
C SER B 176 13.25 4.32 26.17
N TYR B 177 14.53 4.70 26.15
CA TYR B 177 15.47 3.99 25.27
C TYR B 177 15.61 2.53 25.68
N TYR B 178 15.54 1.63 24.69
CA TYR B 178 15.54 0.19 24.96
C TYR B 178 16.87 -0.27 25.55
N ALA B 179 16.82 -0.76 26.79
CA ALA B 179 18.02 -1.11 27.55
C ALA B 179 18.82 -2.27 27.00
N SER B 180 18.22 -3.07 26.13
CA SER B 180 18.93 -4.21 25.56
C SER B 180 19.14 -4.08 24.07
N SER B 181 19.09 -2.84 23.58
CA SER B 181 19.48 -2.52 22.21
C SER B 181 20.89 -3.00 21.88
N LYS B 182 21.10 -3.38 20.62
CA LYS B 182 22.46 -3.61 20.11
C LYS B 182 23.36 -2.39 20.32
N TYR B 183 22.75 -1.20 20.36
CA TYR B 183 23.54 0.02 20.46
C TYR B 183 23.18 0.86 21.68
N GLU B 184 24.19 1.38 22.35
CA GLU B 184 23.92 2.26 23.46
C GLU B 184 24.14 3.69 23.04
N ILE B 185 23.45 4.60 23.72
CA ILE B 185 23.46 6.00 23.38
C ILE B 185 24.44 6.75 24.25
N LEU B 186 25.44 7.35 23.61
CA LEU B 186 26.43 8.15 24.31
C LEU B 186 25.89 9.56 24.54
N SER B 187 25.31 10.15 23.49
CA SER B 187 24.49 11.35 23.66
C SER B 187 23.50 11.55 22.50
N ALA B 188 22.50 12.39 22.72
CA ALA B 188 21.54 12.71 21.68
C ALA B 188 20.96 14.09 21.91
N THR B 189 21.13 14.97 20.93
CA THR B 189 20.65 16.34 21.07
C THR B 189 19.71 16.69 19.94
N GLN B 190 18.86 17.69 20.18
CA GLN B 190 17.89 18.16 19.20
C GLN B 190 17.92 19.69 19.24
N THR B 191 18.34 20.33 18.15
CA THR B 191 18.71 21.75 18.22
C THR B 191 18.10 22.50 17.04
N ARG B 192 17.40 23.59 17.35
CA ARG B 192 16.86 24.45 16.31
C ARG B 192 17.99 25.06 15.46
N GLN B 193 17.79 25.15 14.14
CA GLN B 193 18.78 25.77 13.24
C GLN B 193 18.14 26.70 12.20
N VAL B 194 18.78 27.86 12.01
CA VAL B 194 18.37 28.77 10.94
C VAL B 194 19.38 28.73 9.81
N GLN B 195 18.90 28.47 8.59
CA GLN B 195 19.75 28.42 7.41
C GLN B 195 19.18 29.37 6.38
N HIS B 196 20.05 29.92 5.53
CA HIS B 196 19.61 30.60 4.31
C HIS B 196 20.22 29.90 3.11
N TYR B 197 19.51 29.96 1.98
CA TYR B 197 20.00 29.38 0.73
C TYR B 197 20.24 30.47 -0.32
N SER B 198 21.07 30.15 -1.32
CA SER B 198 21.39 31.11 -2.38
C SER B 198 20.29 31.08 -3.44
N CYS B 199 19.72 29.90 -3.61
CA CYS B 199 18.53 29.71 -4.41
C CYS B 199 17.39 30.69 -4.08
N CYS B 200 17.14 30.89 -2.78
CA CYS B 200 15.87 31.49 -2.34
C CYS B 200 16.03 32.64 -1.36
N PRO B 201 15.03 33.55 -1.32
CA PRO B 201 15.07 34.72 -0.41
C PRO B 201 14.84 34.39 1.08
N GLU B 202 13.85 33.55 1.36
CA GLU B 202 13.41 33.30 2.74
C GLU B 202 14.33 32.35 3.53
N PRO B 203 14.47 32.61 4.84
CA PRO B 203 15.24 31.74 5.74
C PRO B 203 14.52 30.40 6.05
N TYR B 204 15.28 29.36 6.38
CA TYR B 204 14.72 28.03 6.57
C TYR B 204 15.05 27.46 7.93
N ILE B 205 14.07 26.79 8.54
CA ILE B 205 14.20 26.31 9.90
C ILE B 205 14.13 24.78 10.00
N ASP B 206 15.03 24.20 10.78
CA ASP B 206 14.99 22.77 11.02
C ASP B 206 15.42 22.47 12.44
N VAL B 207 15.16 21.24 12.86
CA VAL B 207 15.65 20.74 14.12
C VAL B 207 16.60 19.60 13.80
N ASN B 208 17.83 19.74 14.27
CA ASN B 208 18.90 18.82 13.96
C ASN B 208 19.05 17.79 15.07
N LEU B 209 18.81 16.54 14.72
CA LEU B 209 18.91 15.45 15.66
C LEU B 209 20.31 14.86 15.50
N VAL B 210 21.16 15.06 16.51
CA VAL B 210 22.52 14.53 16.47
C VAL B 210 22.66 13.38 17.48
N VAL B 211 23.06 12.21 17.01
CA VAL B 211 23.14 11.05 17.89
C VAL B 211 24.53 10.41 17.91
N LYS B 212 25.10 10.27 19.10
CA LYS B 212 26.37 9.56 19.28
C LYS B 212 26.11 8.22 19.96
N PHE B 213 26.59 7.15 19.35
CA PHE B 213 26.21 5.83 19.82
C PHE B 213 27.30 4.81 19.55
N ARG B 214 27.26 3.69 20.25
CA ARG B 214 28.24 2.64 19.98
C ARG B 214 27.68 1.27 20.30
N GLU B 215 28.35 0.24 19.80
CA GLU B 215 27.95 -1.15 20.03
C GLU B 215 27.96 -1.43 21.52
N ARG B 216 26.89 -2.03 22.01
CA ARG B 216 26.76 -2.25 23.46
C ARG B 216 27.68 -3.39 23.88
N ARG B 217 28.36 -3.19 25.00
CA ARG B 217 29.31 -4.19 25.52
C ARG B 217 28.79 -4.83 26.81
N ASP C 7 -39.31 -15.04 3.47
CA ASP C 7 -38.95 -15.26 4.87
C ASP C 7 -37.43 -15.23 5.07
N LYS C 8 -36.70 -15.93 4.21
CA LYS C 8 -35.26 -15.72 4.12
C LYS C 8 -35.08 -14.28 3.69
N LEU C 9 -35.95 -13.86 2.77
CA LEU C 9 -36.02 -12.46 2.37
C LEU C 9 -36.17 -11.53 3.58
N HIS C 10 -37.08 -11.88 4.49
CA HIS C 10 -37.43 -11.01 5.61
C HIS C 10 -36.34 -10.94 6.68
N SER C 11 -35.58 -12.01 6.84
CA SER C 11 -34.42 -11.98 7.72
C SER C 11 -33.39 -10.99 7.19
N GLN C 12 -33.17 -10.99 5.88
CA GLN C 12 -32.27 -10.03 5.23
C GLN C 12 -32.73 -8.59 5.42
N ALA C 13 -34.00 -8.33 5.17
CA ALA C 13 -34.56 -6.98 5.35
C ALA C 13 -34.38 -6.53 6.80
N ASN C 14 -34.62 -7.45 7.74
CA ASN C 14 -34.45 -7.16 9.15
C ASN C 14 -33.01 -6.80 9.50
N LEU C 15 -32.07 -7.54 8.92
CA LEU C 15 -30.66 -7.32 9.22
C LEU C 15 -30.26 -5.97 8.67
N MET C 16 -30.56 -5.73 7.40
CA MET C 16 -30.21 -4.47 6.75
C MET C 16 -30.82 -3.28 7.51
N ARG C 17 -32.07 -3.42 7.94
CA ARG C 17 -32.75 -2.35 8.69
C ARG C 17 -32.11 -2.06 10.07
N LEU C 18 -31.70 -3.12 10.76
CA LEU C 18 -31.02 -2.97 12.06
C LEU C 18 -29.70 -2.22 11.89
N LYS C 19 -29.01 -2.52 10.81
CA LYS C 19 -27.70 -1.92 10.57
C LYS C 19 -27.86 -0.47 10.12
N SER C 20 -28.93 -0.20 9.37
CA SER C 20 -29.23 1.18 9.00
C SER C 20 -29.67 2.00 10.21
N ASP C 21 -30.40 1.37 11.14
CA ASP C 21 -30.83 2.07 12.35
C ASP C 21 -29.66 2.39 13.26
N LEU C 22 -28.74 1.44 13.38
CA LEU C 22 -27.63 1.61 14.30
C LEU C 22 -26.55 2.56 13.75
N PHE C 23 -26.34 2.54 12.43
CA PHE C 23 -25.25 3.28 11.81
C PHE C 23 -25.70 4.59 11.15
N ASN C 24 -26.86 4.58 10.53
CA ASN C 24 -27.37 5.77 9.83
C ASN C 24 -28.35 6.58 10.69
N ARG C 25 -29.28 5.88 11.34
CA ARG C 25 -30.33 6.50 12.16
C ARG C 25 -29.76 6.93 13.52
N SER C 26 -28.44 7.12 13.54
CA SER C 26 -27.74 7.74 14.65
C SER C 26 -26.29 7.99 14.23
N PRO C 27 -25.71 9.13 14.66
CA PRO C 27 -24.29 9.43 14.39
C PRO C 27 -23.36 8.61 15.28
N MET C 28 -22.15 8.34 14.78
CA MET C 28 -21.23 7.39 15.42
C MET C 28 -20.89 7.67 16.91
N TYR C 29 -20.20 6.71 17.51
CA TYR C 29 -19.68 6.81 18.87
C TYR C 29 -18.39 7.58 18.79
N PRO C 30 -18.27 8.65 19.59
CA PRO C 30 -17.15 9.59 19.47
C PRO C 30 -15.87 9.09 20.17
N GLY C 31 -15.92 7.91 20.77
CA GLY C 31 -14.80 7.41 21.56
C GLY C 31 -15.03 7.68 23.05
N PRO C 32 -14.27 7.01 23.91
CA PRO C 32 -14.47 7.21 25.34
C PRO C 32 -14.02 8.59 25.80
N THR C 33 -14.55 9.05 26.93
CA THR C 33 -14.15 10.31 27.55
C THR C 33 -14.02 10.06 29.04
N LYS C 34 -13.54 11.07 29.78
CA LYS C 34 -13.38 10.98 31.23
C LYS C 34 -14.73 10.79 31.94
N ASP C 35 -15.77 11.37 31.37
CA ASP C 35 -17.14 11.21 31.86
C ASP C 35 -17.71 9.85 31.51
N ASP C 36 -17.32 9.34 30.34
CA ASP C 36 -17.87 8.08 29.83
C ASP C 36 -16.73 7.13 29.47
N PRO C 37 -15.98 6.67 30.48
CA PRO C 37 -14.79 5.87 30.17
C PRO C 37 -15.17 4.49 29.62
N LEU C 38 -14.20 3.77 29.06
CA LEU C 38 -14.48 2.48 28.47
C LEU C 38 -13.47 1.42 28.90
N THR C 39 -13.97 0.24 29.25
CA THR C 39 -13.08 -0.85 29.61
C THR C 39 -12.94 -1.82 28.45
N VAL C 40 -11.70 -2.09 28.04
CA VAL C 40 -11.47 -3.05 26.97
C VAL C 40 -10.80 -4.27 27.54
N THR C 41 -11.32 -5.45 27.21
CA THR C 41 -10.69 -6.69 27.65
C THR C 41 -9.83 -7.24 26.53
N LEU C 42 -8.64 -7.71 26.89
CA LEU C 42 -7.71 -8.20 25.91
C LEU C 42 -7.26 -9.60 26.29
N GLY C 43 -7.07 -10.45 25.30
CA GLY C 43 -6.49 -11.77 25.54
C GLY C 43 -5.65 -12.17 24.33
N PHE C 44 -4.48 -12.76 24.60
CA PHE C 44 -3.62 -13.16 23.51
C PHE C 44 -3.64 -14.67 23.29
N THR C 45 -3.66 -15.07 22.01
CA THR C 45 -3.48 -16.46 21.61
C THR C 45 -2.23 -16.52 20.76
N LEU C 46 -1.15 -16.99 21.35
CA LEU C 46 0.14 -16.93 20.69
C LEU C 46 0.30 -18.13 19.78
N GLN C 47 0.55 -17.88 18.50
CA GLN C 47 0.56 -18.98 17.56
C GLN C 47 1.97 -19.42 17.16
N ASP C 48 2.90 -18.47 17.12
CA ASP C 48 4.24 -18.80 16.64
C ASP C 48 5.25 -17.69 16.97
N ILE C 49 6.42 -18.10 17.43
CA ILE C 49 7.58 -17.23 17.35
C ILE C 49 8.28 -17.62 16.06
N VAL C 50 8.22 -16.74 15.06
CA VAL C 50 8.73 -17.09 13.72
C VAL C 50 10.24 -16.93 13.62
N LYS C 51 10.74 -15.85 14.20
CA LYS C 51 12.11 -15.42 13.95
C LYS C 51 12.65 -14.59 15.10
N ALA C 52 13.93 -14.76 15.39
CA ALA C 52 14.60 -14.06 16.48
C ALA C 52 15.94 -13.56 16.00
N ASP C 53 16.02 -12.27 15.67
CA ASP C 53 17.18 -11.73 14.98
C ASP C 53 18.14 -11.12 16.00
N SER C 54 19.26 -11.80 16.22
CA SER C 54 20.20 -11.37 17.25
C SER C 54 21.15 -10.32 16.75
N SER C 55 21.17 -10.08 15.44
CA SER C 55 21.98 -8.97 14.94
C SER C 55 21.25 -7.64 15.14
N THR C 56 19.93 -7.68 15.34
CA THR C 56 19.15 -6.43 15.49
C THR C 56 18.31 -6.36 16.74
N ASN C 57 18.27 -7.45 17.51
CA ASN C 57 17.42 -7.55 18.70
C ASN C 57 15.96 -7.21 18.42
N GLU C 58 15.42 -7.91 17.41
CA GLU C 58 14.01 -7.92 17.08
C GLU C 58 13.53 -9.37 17.04
N VAL C 59 12.31 -9.60 17.49
CA VAL C 59 11.73 -10.92 17.43
C VAL C 59 10.35 -10.78 16.82
N ASP C 60 9.97 -11.74 15.98
CA ASP C 60 8.72 -11.68 15.25
C ASP C 60 7.76 -12.70 15.83
N LEU C 61 6.56 -12.25 16.20
CA LEU C 61 5.52 -13.12 16.72
C LEU C 61 4.33 -13.12 15.78
N VAL C 62 3.61 -14.23 15.79
CA VAL C 62 2.29 -14.30 15.18
C VAL C 62 1.32 -14.64 16.29
N TYR C 63 0.27 -13.85 16.44
CA TYR C 63 -0.73 -14.14 17.46
C TYR C 63 -2.12 -13.68 17.05
N TYR C 64 -3.13 -14.12 17.79
CA TYR C 64 -4.49 -13.58 17.67
C TYR C 64 -4.72 -12.72 18.91
N GLU C 65 -5.21 -11.52 18.71
CA GLU C 65 -5.46 -10.63 19.84
C GLU C 65 -6.97 -10.44 20.00
N GLN C 66 -7.54 -11.00 21.05
CA GLN C 66 -8.98 -10.82 21.32
C GLN C 66 -9.28 -9.50 22.00
N GLN C 67 -10.14 -8.69 21.38
CA GLN C 67 -10.58 -7.44 21.95
C GLN C 67 -12.09 -7.47 22.21
N ARG C 68 -12.49 -7.02 23.41
CA ARG C 68 -13.90 -6.98 23.79
C ARG C 68 -14.22 -5.69 24.53
N TRP C 69 -15.36 -5.11 24.21
CA TRP C 69 -15.83 -3.92 24.91
C TRP C 69 -17.32 -3.82 24.69
N LYS C 70 -17.97 -2.87 25.36
CA LYS C 70 -19.41 -2.77 25.26
C LYS C 70 -19.90 -1.32 25.22
N LEU C 71 -20.81 -1.03 24.31
CA LEU C 71 -21.37 0.31 24.15
C LEU C 71 -22.90 0.28 24.24
N ASN C 72 -23.47 1.10 25.12
CA ASN C 72 -24.92 1.26 25.17
C ASN C 72 -25.48 1.69 23.82
N SER C 73 -24.67 2.39 23.03
CA SER C 73 -25.13 2.90 21.74
C SER C 73 -25.23 1.81 20.68
N LEU C 74 -24.74 0.62 21.00
CA LEU C 74 -24.83 -0.50 20.05
C LEU C 74 -25.90 -1.52 20.39
N MET C 75 -26.63 -1.32 21.48
CA MET C 75 -27.60 -2.35 21.88
C MET C 75 -28.95 -2.24 21.15
N TRP C 76 -29.67 -3.34 21.08
CA TRP C 76 -31.02 -3.29 20.53
C TRP C 76 -31.89 -4.39 21.10
N ASP C 77 -33.19 -4.26 20.89
CA ASP C 77 -34.16 -5.27 21.28
C ASP C 77 -34.32 -6.23 20.10
N PRO C 78 -33.90 -7.48 20.27
CA PRO C 78 -34.05 -8.50 19.22
C PRO C 78 -35.49 -8.63 18.69
N ASN C 79 -36.48 -8.33 19.53
CA ASN C 79 -37.88 -8.42 19.11
C ASN C 79 -38.29 -7.45 17.98
N GLU C 80 -37.67 -6.27 17.94
CA GLU C 80 -37.95 -5.29 16.89
C GLU C 80 -37.34 -5.70 15.53
N TYR C 81 -36.51 -6.73 15.55
CA TYR C 81 -35.72 -7.07 14.36
C TYR C 81 -35.65 -8.57 14.06
N GLY C 82 -36.79 -9.24 14.17
CA GLY C 82 -36.87 -10.65 13.80
C GLY C 82 -35.99 -11.58 14.64
N ASN C 83 -35.77 -11.19 15.90
CA ASN C 83 -35.00 -12.00 16.85
C ASN C 83 -33.51 -12.18 16.49
N ILE C 84 -33.01 -11.31 15.61
CA ILE C 84 -31.58 -11.23 15.37
C ILE C 84 -30.90 -10.88 16.70
N THR C 85 -30.01 -11.74 17.16
CA THR C 85 -29.33 -11.51 18.44
C THR C 85 -27.91 -10.96 18.26
N ASP C 86 -27.39 -11.04 17.04
CA ASP C 86 -26.04 -10.54 16.76
C ASP C 86 -25.78 -10.41 15.28
N PHE C 87 -24.69 -9.72 14.93
CA PHE C 87 -24.30 -9.65 13.53
C PHE C 87 -22.81 -9.41 13.32
N ARG C 88 -22.37 -9.72 12.11
CA ARG C 88 -21.02 -9.47 11.69
C ARG C 88 -21.05 -8.17 10.93
N THR C 89 -20.03 -7.36 11.14
CA THR C 89 -19.91 -6.14 10.37
C THR C 89 -18.45 -5.77 10.18
N SER C 90 -18.16 -5.12 9.07
CA SER C 90 -16.84 -4.56 8.79
C SER C 90 -16.38 -3.65 9.94
N ALA C 91 -15.15 -3.84 10.37
CA ALA C 91 -14.55 -3.03 11.43
C ALA C 91 -14.62 -1.51 11.16
N ALA C 92 -14.72 -1.11 9.90
CA ALA C 92 -14.80 0.31 9.58
C ALA C 92 -16.15 0.97 9.94
N ASP C 93 -17.17 0.14 10.16
N ASP C 93 -17.17 0.14 10.16
CA ASP C 93 -18.52 0.65 10.46
C ASP C 93 -18.67 1.11 11.90
N ILE C 94 -17.77 0.67 12.77
CA ILE C 94 -17.89 0.95 14.19
C ILE C 94 -16.60 1.54 14.70
N TRP C 95 -16.67 2.07 15.91
CA TRP C 95 -15.47 2.52 16.59
C TRP C 95 -14.66 1.29 17.05
N THR C 96 -13.34 1.36 16.94
CA THR C 96 -12.47 0.31 17.45
C THR C 96 -11.32 0.90 18.25
N PRO C 97 -10.94 0.24 19.35
CA PRO C 97 -9.87 0.77 20.20
C PRO C 97 -8.52 0.76 19.47
N ASP C 98 -7.72 1.78 19.74
CA ASP C 98 -6.42 1.94 19.11
C ASP C 98 -5.30 1.20 19.86
N ILE C 99 -5.50 -0.09 20.11
CA ILE C 99 -4.52 -0.87 20.87
C ILE C 99 -3.18 -1.00 20.12
N THR C 100 -2.10 -0.63 20.78
CA THR C 100 -0.82 -0.50 20.10
C THR C 100 0.30 -1.15 20.88
N ALA C 101 1.13 -1.93 20.20
CA ALA C 101 2.36 -2.44 20.79
C ALA C 101 3.34 -1.27 20.96
N TYR C 102 3.83 -1.08 22.17
CA TYR C 102 4.63 0.11 22.49
C TYR C 102 6.08 -0.01 22.04
N SER C 103 6.55 -1.23 21.81
CA SER C 103 7.94 -1.41 21.38
C SER C 103 8.08 -2.13 20.04
N SER C 104 7.07 -2.03 19.18
CA SER C 104 7.20 -2.55 17.81
C SER C 104 8.34 -1.87 17.09
N THR C 105 8.90 -2.54 16.08
CA THR C 105 9.98 -1.94 15.27
C THR C 105 9.58 -1.83 13.81
N ARG C 106 8.37 -2.31 13.49
CA ARG C 106 7.83 -2.31 12.13
C ARG C 106 6.33 -2.22 12.28
N PRO C 107 5.63 -1.70 11.26
CA PRO C 107 4.17 -1.69 11.30
C PRO C 107 3.63 -3.12 11.37
N VAL C 108 2.63 -3.31 12.24
CA VAL C 108 1.98 -4.60 12.40
C VAL C 108 1.41 -5.05 11.08
N GLN C 109 1.58 -6.33 10.76
CA GLN C 109 0.93 -6.88 9.58
C GLN C 109 -0.31 -7.67 9.97
N VAL C 110 -1.45 -7.31 9.36
CA VAL C 110 -2.73 -7.90 9.69
C VAL C 110 -2.95 -9.18 8.88
N LEU C 111 -3.29 -10.27 9.56
CA LEU C 111 -3.40 -11.58 8.92
C LEU C 111 -4.84 -12.07 8.75
N SER C 112 -5.79 -11.33 9.31
CA SER C 112 -7.19 -11.77 9.30
C SER C 112 -8.08 -10.65 8.79
N PRO C 113 -9.27 -11.00 8.32
CA PRO C 113 -10.20 -9.98 7.83
C PRO C 113 -10.68 -9.00 8.91
N GLN C 114 -10.82 -7.74 8.52
CA GLN C 114 -11.23 -6.69 9.46
C GLN C 114 -12.73 -6.69 9.71
N ILE C 115 -13.22 -7.74 10.35
CA ILE C 115 -14.65 -7.90 10.59
C ILE C 115 -14.86 -8.16 12.07
N ALA C 116 -15.88 -7.53 12.64
CA ALA C 116 -16.20 -7.70 14.04
C ALA C 116 -17.58 -8.32 14.23
N VAL C 117 -17.81 -8.84 15.44
CA VAL C 117 -19.11 -9.37 15.80
C VAL C 117 -19.74 -8.49 16.88
N VAL C 118 -20.94 -8.00 16.60
CA VAL C 118 -21.69 -7.17 17.53
C VAL C 118 -22.90 -7.94 18.07
N THR C 119 -23.11 -7.86 19.37
CA THR C 119 -24.19 -8.57 20.05
C THR C 119 -25.24 -7.57 20.55
N HIS C 120 -26.50 -8.01 20.64
CA HIS C 120 -27.62 -7.14 21.02
C HIS C 120 -27.48 -6.42 22.35
N ASP C 121 -26.63 -6.93 23.24
CA ASP C 121 -26.39 -6.24 24.51
C ASP C 121 -25.39 -5.07 24.38
N GLY C 122 -24.88 -4.85 23.17
CA GLY C 122 -23.91 -3.80 22.94
C GLY C 122 -22.47 -4.29 22.96
N SER C 123 -22.28 -5.58 23.23
CA SER C 123 -20.95 -6.20 23.20
C SER C 123 -20.39 -6.29 21.80
N VAL C 124 -19.11 -5.95 21.68
CA VAL C 124 -18.39 -6.13 20.43
C VAL C 124 -17.20 -7.05 20.68
N MET C 125 -16.97 -7.97 19.73
CA MET C 125 -15.78 -8.80 19.74
C MET C 125 -15.04 -8.62 18.41
N PHE C 126 -13.78 -8.23 18.50
CA PHE C 126 -12.93 -8.01 17.33
C PHE C 126 -11.63 -8.76 17.60
N ILE C 127 -11.22 -9.62 16.68
CA ILE C 127 -10.01 -10.43 16.92
C ILE C 127 -9.01 -10.39 15.76
N PRO C 128 -8.22 -9.30 15.66
CA PRO C 128 -7.24 -9.22 14.57
C PRO C 128 -6.10 -10.21 14.78
N ALA C 129 -5.81 -11.01 13.76
CA ALA C 129 -4.59 -11.83 13.76
C ALA C 129 -3.43 -10.97 13.22
N GLN C 130 -2.28 -11.05 13.86
CA GLN C 130 -1.20 -10.11 13.60
C GLN C 130 0.16 -10.78 13.56
N ARG C 131 1.03 -10.30 12.68
CA ARG C 131 2.45 -10.57 12.81
C ARG C 131 3.16 -9.30 13.29
N LEU C 132 3.94 -9.44 14.36
CA LEU C 132 4.58 -8.28 15.03
C LEU C 132 6.09 -8.49 15.17
N SER C 133 6.88 -7.49 14.78
CA SER C 133 8.30 -7.42 15.14
C SER C 133 8.41 -6.46 16.30
N PHE C 134 9.06 -6.88 17.38
CA PHE C 134 9.21 -5.99 18.51
C PHE C 134 10.59 -6.11 19.15
N MET C 135 10.95 -5.13 19.97
CA MET C 135 12.29 -5.09 20.56
C MET C 135 12.52 -6.18 21.60
N CYS C 136 13.52 -7.01 21.35
CA CYS C 136 13.75 -8.19 22.18
C CYS C 136 15.16 -8.71 21.98
N ASP C 137 15.91 -8.81 23.06
CA ASP C 137 17.24 -9.43 23.07
C ASP C 137 17.07 -10.92 23.26
N PRO C 138 17.39 -11.72 22.23
CA PRO C 138 17.19 -13.17 22.30
C PRO C 138 18.38 -13.91 22.92
N THR C 139 19.31 -13.17 23.52
CA THR C 139 20.42 -13.74 24.28
C THR C 139 19.98 -14.87 25.22
N GLY C 140 20.57 -16.05 25.05
CA GLY C 140 20.26 -17.18 25.89
C GLY C 140 19.19 -18.10 25.30
N VAL C 141 18.73 -17.78 24.09
CA VAL C 141 17.67 -18.58 23.47
C VAL C 141 18.16 -19.99 23.17
N ASP C 142 19.46 -20.16 23.08
CA ASP C 142 20.05 -21.46 22.79
C ASP C 142 20.61 -22.09 24.07
N SER C 143 19.90 -21.92 25.17
CA SER C 143 20.25 -22.55 26.44
C SER C 143 18.98 -23.10 27.03
N GLU C 144 19.11 -23.95 28.04
CA GLU C 144 17.95 -24.57 28.69
C GLU C 144 17.03 -23.53 29.32
N GLU C 145 17.65 -22.52 29.94
CA GLU C 145 16.91 -21.44 30.60
CA GLU C 145 16.91 -21.45 30.59
C GLU C 145 16.12 -20.60 29.59
N GLY C 146 16.55 -20.60 28.34
CA GLY C 146 15.89 -19.82 27.30
C GLY C 146 16.10 -18.33 27.42
N ALA C 147 15.41 -17.57 26.59
CA ALA C 147 15.50 -16.12 26.60
C ALA C 147 14.19 -15.55 27.12
N THR C 148 14.20 -14.31 27.55
CA THR C 148 12.97 -13.68 28.00
C THR C 148 12.73 -12.33 27.35
N CYS C 149 11.54 -12.14 26.80
CA CYS C 149 11.21 -10.85 26.25
C CYS C 149 9.83 -10.36 26.66
N ALA C 150 9.62 -9.06 26.52
CA ALA C 150 8.35 -8.46 26.89
C ALA C 150 7.98 -7.34 25.94
N VAL C 151 6.67 -7.09 25.84
CA VAL C 151 6.15 -5.96 25.09
C VAL C 151 4.78 -5.57 25.66
N LYS C 152 4.56 -4.27 25.79
CA LYS C 152 3.33 -3.74 26.34
C LYS C 152 2.34 -3.34 25.24
N PHE C 153 1.07 -3.59 25.51
CA PHE C 153 -0.02 -3.18 24.63
C PHE C 153 -0.97 -2.26 25.37
N GLY C 154 -1.40 -1.20 24.71
CA GLY C 154 -2.33 -0.29 25.31
C GLY C 154 -2.71 0.74 24.28
N SER C 155 -3.68 1.58 24.64
CA SER C 155 -4.08 2.72 23.82
C SER C 155 -2.89 3.66 23.64
N TRP C 156 -2.82 4.29 22.47
CA TRP C 156 -1.77 5.26 22.23
C TRP C 156 -2.18 6.64 22.72
N VAL C 157 -3.45 7.00 22.53
CA VAL C 157 -3.90 8.37 22.80
C VAL C 157 -4.86 8.51 24.00
N TYR C 158 -5.32 7.41 24.58
CA TYR C 158 -6.22 7.48 25.73
C TYR C 158 -5.55 7.01 27.03
N SER C 159 -5.48 7.89 28.02
CA SER C 159 -4.96 7.52 29.32
C SER C 159 -5.97 6.65 30.05
N GLY C 160 -5.54 6.10 31.18
CA GLY C 160 -6.39 5.26 31.98
C GLY C 160 -7.69 5.91 32.45
N PHE C 161 -7.79 7.23 32.37
CA PHE C 161 -9.04 7.91 32.71
C PHE C 161 -10.13 7.74 31.62
N GLU C 162 -9.73 7.38 30.39
CA GLU C 162 -10.69 7.19 29.32
C GLU C 162 -10.82 5.71 28.93
N ILE C 163 -9.70 5.02 28.87
CA ILE C 163 -9.70 3.61 28.55
C ILE C 163 -9.01 2.82 29.64
N ASP C 164 -9.74 1.86 30.20
CA ASP C 164 -9.15 0.91 31.13
C ASP C 164 -9.01 -0.41 30.39
N LEU C 165 -8.02 -1.22 30.78
CA LEU C 165 -7.84 -2.55 30.21
C LEU C 165 -8.06 -3.64 31.27
N LYS C 166 -8.52 -4.81 30.82
CA LYS C 166 -8.64 -6.00 31.67
C LYS C 166 -8.15 -7.22 30.91
N THR C 167 -7.76 -8.25 31.64
CA THR C 167 -7.60 -9.58 31.05
C THR C 167 -8.52 -10.53 31.81
N ASP C 168 -8.93 -11.62 31.15
CA ASP C 168 -9.75 -12.63 31.82
C ASP C 168 -8.87 -13.58 32.61
N THR C 169 -7.61 -13.67 32.20
CA THR C 169 -6.64 -14.47 32.90
C THR C 169 -5.28 -13.88 32.62
N ASP C 170 -4.28 -14.35 33.36
CA ASP C 170 -2.93 -13.89 33.21
C ASP C 170 -2.15 -14.84 32.30
N GLN C 171 -2.80 -15.94 31.90
CA GLN C 171 -2.14 -16.93 31.07
C GLN C 171 -2.49 -16.77 29.59
N VAL C 172 -1.47 -16.53 28.78
CA VAL C 172 -1.64 -16.47 27.34
C VAL C 172 -2.09 -17.84 26.84
N ASP C 173 -3.09 -17.86 25.97
CA ASP C 173 -3.59 -19.11 25.42
C ASP C 173 -2.54 -19.75 24.48
N LEU C 174 -1.96 -20.87 24.91
CA LEU C 174 -0.93 -21.55 24.11
C LEU C 174 -1.50 -22.76 23.36
N SER C 175 -2.81 -22.95 23.43
CA SER C 175 -3.41 -24.17 22.92
C SER C 175 -3.33 -24.29 21.40
N SER C 176 -3.05 -23.19 20.73
CA SER C 176 -2.87 -23.21 19.29
C SER C 176 -1.43 -22.95 18.87
N TYR C 177 -0.50 -23.04 19.80
CA TYR C 177 0.89 -22.75 19.48
C TYR C 177 1.45 -23.80 18.54
N TYR C 178 2.18 -23.36 17.53
CA TYR C 178 2.70 -24.24 16.49
C TYR C 178 3.76 -25.21 17.01
N ALA C 179 3.46 -26.50 16.95
CA ALA C 179 4.28 -27.53 17.59
C ALA C 179 5.62 -27.80 16.90
N SER C 180 5.77 -27.39 15.64
CA SER C 180 7.06 -27.54 14.97
C SER C 180 7.75 -26.21 14.78
N SER C 181 7.41 -25.23 15.60
CA SER C 181 8.08 -23.93 15.58
C SER C 181 9.55 -24.11 15.91
N LYS C 182 10.38 -23.19 15.44
CA LYS C 182 11.82 -23.26 15.76
C LYS C 182 12.03 -22.97 17.23
N TYR C 183 11.00 -22.47 17.90
CA TYR C 183 11.09 -22.05 19.29
C TYR C 183 9.98 -22.65 20.13
N GLU C 184 10.37 -23.23 21.26
CA GLU C 184 9.37 -23.74 22.19
C GLU C 184 9.11 -22.66 23.26
N ILE C 185 7.87 -22.60 23.71
CA ILE C 185 7.47 -21.63 24.72
C ILE C 185 7.58 -22.26 26.08
N LEU C 186 8.29 -21.58 26.98
CA LEU C 186 8.45 -22.04 28.36
C LEU C 186 7.37 -21.43 29.24
N SER C 187 6.98 -20.21 28.94
CA SER C 187 5.83 -19.59 29.60
C SER C 187 5.44 -18.34 28.83
N ALA C 188 4.19 -17.93 28.98
CA ALA C 188 3.71 -16.70 28.38
C ALA C 188 2.57 -16.15 29.22
N THR C 189 2.73 -14.92 29.66
CA THR C 189 1.78 -14.27 30.56
C THR C 189 1.32 -12.92 30.01
N GLN C 190 0.10 -12.56 30.38
CA GLN C 190 -0.48 -11.28 30.01
C GLN C 190 -1.04 -10.64 31.29
N THR C 191 -0.50 -9.49 31.65
CA THR C 191 -0.80 -8.88 32.95
C THR C 191 -1.06 -7.39 32.79
N ARG C 192 -2.22 -6.96 33.28
CA ARG C 192 -2.56 -5.55 33.29
C ARG C 192 -1.57 -4.79 34.16
N GLN C 193 -1.11 -3.62 33.70
CA GLN C 193 -0.19 -2.80 34.49
C GLN C 193 -0.69 -1.38 34.51
N VAL C 194 -0.50 -0.69 35.62
CA VAL C 194 -0.81 0.74 35.69
C VAL C 194 0.52 1.50 35.59
N GLN C 195 0.68 2.29 34.55
CA GLN C 195 1.96 2.95 34.29
C GLN C 195 1.92 4.44 34.52
N HIS C 196 2.96 4.93 35.16
CA HIS C 196 3.21 6.35 35.22
C HIS C 196 4.42 6.67 34.36
N TYR C 197 4.21 7.58 33.42
CA TYR C 197 5.24 8.06 32.52
C TYR C 197 5.57 9.52 32.83
N SER C 198 6.85 9.85 32.84
CA SER C 198 7.29 11.19 33.23
C SER C 198 6.71 12.30 32.35
N CYS C 199 6.30 11.95 31.14
CA CYS C 199 5.70 12.91 30.22
C CYS C 199 4.35 13.44 30.69
N CYS C 200 3.63 12.66 31.50
CA CYS C 200 2.20 12.88 31.59
C CYS C 200 1.66 12.69 33.00
N PRO C 201 0.76 13.58 33.45
CA PRO C 201 0.22 13.45 34.80
C PRO C 201 -0.83 12.34 34.94
N GLU C 202 -1.40 11.89 33.84
CA GLU C 202 -2.40 10.81 33.86
C GLU C 202 -1.76 9.43 33.81
N PRO C 203 -2.30 8.49 34.59
CA PRO C 203 -1.87 7.09 34.49
C PRO C 203 -2.18 6.50 33.10
N TYR C 204 -1.31 5.63 32.61
CA TYR C 204 -1.58 4.94 31.35
C TYR C 204 -1.63 3.44 31.63
N ILE C 205 -2.60 2.74 31.05
CA ILE C 205 -2.76 1.33 31.34
C ILE C 205 -2.24 0.51 30.18
N ASP C 206 -1.57 -0.59 30.48
CA ASP C 206 -1.19 -1.51 29.43
C ASP C 206 -1.40 -2.94 29.88
N VAL C 207 -1.35 -3.84 28.90
CA VAL C 207 -1.20 -5.27 29.14
C VAL C 207 0.19 -5.70 28.69
N ASN C 208 0.91 -6.31 29.61
CA ASN C 208 2.30 -6.65 29.38
C ASN C 208 2.38 -8.12 29.00
N LEU C 209 2.86 -8.37 27.79
CA LEU C 209 3.04 -9.72 27.31
C LEU C 209 4.48 -10.16 27.58
N VAL C 210 4.64 -11.16 28.43
CA VAL C 210 5.98 -11.66 28.72
C VAL C 210 6.11 -13.10 28.19
N VAL C 211 7.09 -13.32 27.32
CA VAL C 211 7.29 -14.64 26.74
C VAL C 211 8.68 -15.17 27.05
N LYS C 212 8.74 -16.39 27.58
CA LYS C 212 10.01 -17.07 27.79
C LYS C 212 10.07 -18.24 26.83
N PHE C 213 11.18 -18.35 26.09
CA PHE C 213 11.25 -19.32 25.01
C PHE C 213 12.68 -19.73 24.71
N ARG C 214 12.84 -20.85 24.03
CA ARG C 214 14.16 -21.32 23.64
C ARG C 214 14.08 -22.08 22.33
N GLU C 215 15.23 -22.21 21.67
CA GLU C 215 15.36 -23.07 20.49
C GLU C 215 14.96 -24.49 20.86
N ARG C 216 14.29 -25.17 19.94
CA ARG C 216 13.69 -26.48 20.22
C ARG C 216 14.72 -27.60 20.28
N ARG C 217 14.41 -28.64 21.05
CA ARG C 217 15.24 -29.85 21.13
C ARG C 217 14.94 -30.83 20.00
N ASP D 7 -27.51 -3.67 -32.57
CA ASP D 7 -27.58 -4.83 -31.69
C ASP D 7 -26.57 -4.75 -30.56
N LYS D 8 -25.39 -4.24 -30.88
CA LYS D 8 -24.30 -4.04 -29.93
C LYS D 8 -24.79 -3.20 -28.74
N LEU D 9 -25.39 -2.05 -29.03
CA LEU D 9 -25.94 -1.17 -27.99
C LEU D 9 -27.02 -1.88 -27.16
N HIS D 10 -27.81 -2.73 -27.83
CA HIS D 10 -28.89 -3.48 -27.17
C HIS D 10 -28.37 -4.50 -26.16
N SER D 11 -27.35 -5.26 -26.57
CA SER D 11 -26.67 -6.20 -25.70
C SER D 11 -26.09 -5.46 -24.49
N GLN D 12 -25.35 -4.39 -24.79
CA GLN D 12 -24.74 -3.56 -23.76
C GLN D 12 -25.79 -3.01 -22.80
N ALA D 13 -26.94 -2.63 -23.36
CA ALA D 13 -28.02 -2.08 -22.56
C ALA D 13 -28.61 -3.15 -21.64
N ASN D 14 -28.78 -4.35 -22.18
CA ASN D 14 -29.29 -5.47 -21.40
C ASN D 14 -28.40 -5.78 -20.17
N LEU D 15 -27.09 -5.83 -20.37
CA LEU D 15 -26.15 -6.10 -19.27
C LEU D 15 -26.25 -5.02 -18.20
N MET D 16 -26.26 -3.76 -18.64
CA MET D 16 -26.31 -2.62 -17.72
C MET D 16 -27.61 -2.55 -16.93
N ARG D 17 -28.69 -2.98 -17.55
CA ARG D 17 -30.00 -3.02 -16.89
C ARG D 17 -30.02 -4.11 -15.79
N LEU D 18 -29.52 -5.29 -16.13
CA LEU D 18 -29.38 -6.39 -15.19
C LEU D 18 -28.55 -5.98 -13.96
N LYS D 19 -27.37 -5.40 -14.21
CA LYS D 19 -26.50 -4.94 -13.13
C LYS D 19 -27.19 -3.93 -12.22
N SER D 20 -27.95 -3.03 -12.83
CA SER D 20 -28.72 -2.04 -12.08
C SER D 20 -29.78 -2.71 -11.21
N ASP D 21 -30.57 -3.60 -11.80
CA ASP D 21 -31.56 -4.37 -11.07
C ASP D 21 -30.95 -5.09 -9.88
N LEU D 22 -29.82 -5.75 -10.11
CA LEU D 22 -29.21 -6.56 -9.09
C LEU D 22 -28.55 -5.75 -7.97
N PHE D 23 -27.66 -4.83 -8.34
CA PHE D 23 -26.68 -4.29 -7.39
C PHE D 23 -27.16 -3.20 -6.43
N ASN D 24 -28.27 -2.54 -6.77
CA ASN D 24 -28.83 -1.53 -5.86
C ASN D 24 -30.30 -1.74 -5.51
N ARG D 25 -31.11 -2.25 -6.45
CA ARG D 25 -32.48 -2.62 -6.11
C ARG D 25 -32.46 -3.80 -5.13
N SER D 26 -32.78 -3.52 -3.87
CA SER D 26 -32.38 -4.35 -2.74
C SER D 26 -30.86 -4.55 -2.84
N PRO D 27 -30.09 -3.58 -2.31
CA PRO D 27 -28.68 -3.29 -2.58
C PRO D 27 -27.64 -4.34 -2.12
N MET D 28 -26.69 -3.87 -1.31
CA MET D 28 -25.58 -4.70 -0.85
C MET D 28 -26.05 -5.77 0.14
N TYR D 29 -25.86 -7.02 -0.25
CA TYR D 29 -26.21 -8.19 0.56
C TYR D 29 -25.44 -8.17 1.88
N PRO D 30 -26.18 -8.33 3.00
CA PRO D 30 -25.63 -8.20 4.36
C PRO D 30 -24.82 -9.40 4.81
N GLY D 31 -24.66 -10.40 3.95
CA GLY D 31 -23.94 -11.60 4.31
C GLY D 31 -24.85 -12.62 4.95
N PRO D 32 -24.36 -13.84 5.15
CA PRO D 32 -25.14 -14.97 5.66
C PRO D 32 -25.42 -14.86 7.16
N THR D 33 -26.48 -15.52 7.62
CA THR D 33 -26.83 -15.64 9.03
C THR D 33 -27.34 -17.06 9.29
N LYS D 34 -27.68 -17.35 10.53
CA LYS D 34 -28.22 -18.66 10.89
C LYS D 34 -29.48 -18.96 10.10
N ASP D 35 -30.30 -17.93 9.88
CA ASP D 35 -31.58 -18.13 9.20
C ASP D 35 -31.45 -18.10 7.69
N ASP D 36 -30.35 -17.51 7.19
CA ASP D 36 -30.10 -17.47 5.77
C ASP D 36 -28.67 -17.93 5.51
N PRO D 37 -28.35 -19.20 5.84
CA PRO D 37 -26.97 -19.64 5.70
C PRO D 37 -26.60 -19.92 4.24
N LEU D 38 -25.36 -20.32 4.02
CA LEU D 38 -24.81 -20.39 2.69
C LEU D 38 -23.70 -21.43 2.70
N THR D 39 -23.42 -22.00 1.54
CA THR D 39 -22.35 -22.98 1.46
C THR D 39 -21.29 -22.46 0.49
N VAL D 40 -20.03 -22.47 0.95
CA VAL D 40 -18.92 -22.11 0.10
C VAL D 40 -18.14 -23.37 -0.30
N THR D 41 -18.05 -23.61 -1.60
CA THR D 41 -17.22 -24.70 -2.07
C THR D 41 -15.80 -24.18 -2.31
N LEU D 42 -14.82 -24.89 -1.77
CA LEU D 42 -13.42 -24.53 -1.93
C LEU D 42 -12.70 -25.61 -2.72
N GLY D 43 -11.77 -25.20 -3.57
CA GLY D 43 -10.89 -26.13 -4.25
C GLY D 43 -9.56 -25.49 -4.55
N PHE D 44 -8.46 -26.21 -4.33
CA PHE D 44 -7.16 -25.61 -4.58
C PHE D 44 -6.47 -26.13 -5.84
N THR D 45 -5.83 -25.21 -6.57
CA THR D 45 -5.00 -25.57 -7.70
C THR D 45 -3.56 -25.15 -7.37
N LEU D 46 -2.74 -26.12 -6.97
CA LEU D 46 -1.40 -25.81 -6.47
C LEU D 46 -0.43 -25.64 -7.62
N GLN D 47 0.24 -24.50 -7.66
CA GLN D 47 1.08 -24.17 -8.80
C GLN D 47 2.57 -24.31 -8.51
N ASP D 48 2.98 -23.97 -7.29
CA ASP D 48 4.41 -23.94 -6.99
C ASP D 48 4.70 -23.86 -5.50
N ILE D 49 5.64 -24.68 -5.04
CA ILE D 49 6.22 -24.40 -3.75
C ILE D 49 7.48 -23.63 -4.06
N VAL D 50 7.45 -22.32 -3.83
CA VAL D 50 8.52 -21.42 -4.24
C VAL D 50 9.77 -21.49 -3.35
N LYS D 51 9.57 -21.59 -2.04
CA LYS D 51 10.69 -21.70 -1.13
C LYS D 51 10.32 -22.28 0.23
N ALA D 52 11.32 -22.86 0.89
CA ALA D 52 11.20 -23.44 2.22
C ALA D 52 12.32 -22.91 3.09
N ASP D 53 11.95 -22.27 4.18
CA ASP D 53 12.93 -21.64 5.07
C ASP D 53 13.01 -22.42 6.38
N SER D 54 14.02 -23.26 6.52
CA SER D 54 14.12 -24.04 7.75
C SER D 54 14.77 -23.25 8.88
N SER D 55 15.17 -22.01 8.61
CA SER D 55 15.64 -21.13 9.68
C SER D 55 14.47 -20.49 10.43
N THR D 56 13.27 -20.49 9.84
CA THR D 56 12.08 -19.91 10.48
C THR D 56 10.84 -20.83 10.45
N ASN D 57 10.94 -21.95 9.75
CA ASN D 57 9.83 -22.86 9.51
C ASN D 57 8.62 -22.16 8.89
N GLU D 58 8.90 -21.51 7.77
CA GLU D 58 7.89 -20.95 6.88
C GLU D 58 8.13 -21.52 5.51
N VAL D 59 7.04 -21.83 4.81
CA VAL D 59 7.12 -22.23 3.42
C VAL D 59 6.17 -21.36 2.60
N ASP D 60 6.61 -21.01 1.39
CA ASP D 60 5.84 -20.15 0.48
C ASP D 60 5.17 -20.97 -0.63
N LEU D 61 3.84 -20.89 -0.72
CA LEU D 61 3.07 -21.56 -1.76
C LEU D 61 2.46 -20.56 -2.73
N VAL D 62 2.39 -20.93 -4.00
CA VAL D 62 1.60 -20.18 -4.98
C VAL D 62 0.50 -21.12 -5.47
N TYR D 63 -0.75 -20.68 -5.37
CA TYR D 63 -1.91 -21.49 -5.79
C TYR D 63 -3.08 -20.62 -6.27
N TYR D 64 -4.03 -21.25 -6.94
CA TYR D 64 -5.33 -20.62 -7.23
C TYR D 64 -6.32 -21.20 -6.26
N GLU D 65 -7.10 -20.36 -5.59
CA GLU D 65 -8.09 -20.84 -4.66
C GLU D 65 -9.48 -20.65 -5.24
N GLN D 66 -10.15 -21.74 -5.59
CA GLN D 66 -11.46 -21.59 -6.22
C GLN D 66 -12.55 -21.52 -5.16
N GLN D 67 -13.29 -20.42 -5.17
CA GLN D 67 -14.40 -20.25 -4.23
C GLN D 67 -15.70 -20.22 -5.01
N ARG D 68 -16.71 -20.91 -4.51
CA ARG D 68 -18.00 -21.00 -5.16
C ARG D 68 -19.12 -20.95 -4.12
N TRP D 69 -20.08 -20.07 -4.35
CA TRP D 69 -21.28 -20.01 -3.53
C TRP D 69 -22.48 -19.57 -4.35
N LYS D 70 -23.65 -19.50 -3.72
CA LYS D 70 -24.90 -19.28 -4.44
C LYS D 70 -25.87 -18.43 -3.61
N LEU D 71 -26.37 -17.37 -4.21
CA LEU D 71 -27.31 -16.48 -3.55
C LEU D 71 -28.59 -16.36 -4.36
N ASN D 72 -29.74 -16.52 -3.71
CA ASN D 72 -31.04 -16.30 -4.35
C ASN D 72 -31.17 -14.89 -4.92
N SER D 73 -30.61 -13.92 -4.20
CA SER D 73 -30.59 -12.52 -4.62
C SER D 73 -29.71 -12.25 -5.84
N LEU D 74 -29.02 -13.27 -6.33
CA LEU D 74 -28.26 -13.06 -7.56
C LEU D 74 -28.88 -13.77 -8.78
N MET D 75 -30.00 -14.46 -8.56
CA MET D 75 -30.68 -15.19 -9.64
C MET D 75 -31.44 -14.26 -10.57
N TRP D 76 -31.47 -14.60 -11.85
CA TRP D 76 -32.31 -13.88 -12.81
C TRP D 76 -32.70 -14.82 -13.95
N ASP D 77 -33.71 -14.41 -14.71
CA ASP D 77 -34.15 -15.16 -15.89
C ASP D 77 -33.47 -14.53 -17.10
N PRO D 78 -32.62 -15.31 -17.79
CA PRO D 78 -31.90 -14.85 -18.99
C PRO D 78 -32.83 -14.24 -20.04
N ASN D 79 -34.05 -14.76 -20.14
CA ASN D 79 -34.98 -14.25 -21.13
C ASN D 79 -35.41 -12.81 -20.84
N GLU D 80 -35.39 -12.43 -19.56
CA GLU D 80 -35.73 -11.04 -19.19
C GLU D 80 -34.61 -10.05 -19.53
N TYR D 81 -33.45 -10.57 -19.91
CA TYR D 81 -32.29 -9.71 -20.14
C TYR D 81 -31.47 -10.18 -21.32
N GLY D 82 -32.15 -10.49 -22.42
CA GLY D 82 -31.47 -10.76 -23.68
C GLY D 82 -30.66 -12.04 -23.72
N ASN D 83 -31.12 -13.06 -23.00
CA ASN D 83 -30.44 -14.35 -22.91
C ASN D 83 -29.02 -14.21 -22.35
N ILE D 84 -28.80 -13.17 -21.56
CA ILE D 84 -27.56 -13.05 -20.79
C ILE D 84 -27.57 -14.11 -19.70
N THR D 85 -26.61 -15.03 -19.76
CA THR D 85 -26.55 -16.15 -18.83
C THR D 85 -25.55 -15.92 -17.71
N ASP D 86 -24.65 -14.96 -17.89
CA ASP D 86 -23.63 -14.66 -16.89
C ASP D 86 -22.99 -13.29 -17.12
N PHE D 87 -22.22 -12.83 -16.13
CA PHE D 87 -21.44 -11.62 -16.29
C PHE D 87 -20.24 -11.59 -15.34
N ARG D 88 -19.31 -10.69 -15.63
CA ARG D 88 -18.14 -10.46 -14.78
C ARG D 88 -18.35 -9.19 -13.99
N THR D 89 -17.99 -9.23 -12.71
CA THR D 89 -18.02 -8.01 -11.93
C THR D 89 -16.93 -7.93 -10.88
N SER D 90 -16.56 -6.69 -10.57
CA SER D 90 -15.57 -6.40 -9.55
C SER D 90 -16.02 -7.03 -8.25
N ALA D 91 -15.11 -7.71 -7.56
CA ALA D 91 -15.46 -8.39 -6.32
C ALA D 91 -15.96 -7.43 -5.23
N ALA D 92 -15.65 -6.14 -5.39
CA ALA D 92 -16.11 -5.16 -4.40
C ALA D 92 -17.56 -4.74 -4.65
N ASP D 93 -18.14 -5.19 -5.75
CA ASP D 93 -19.56 -4.90 -6.05
C ASP D 93 -20.49 -5.93 -5.40
N ILE D 94 -19.92 -7.00 -4.88
CA ILE D 94 -20.71 -8.08 -4.31
C ILE D 94 -20.17 -8.49 -2.96
N TRP D 95 -20.93 -9.27 -2.23
CA TRP D 95 -20.44 -9.86 -1.01
C TRP D 95 -19.46 -10.97 -1.38
N THR D 96 -18.38 -11.08 -0.61
CA THR D 96 -17.43 -12.17 -0.75
C THR D 96 -17.10 -12.81 0.58
N PRO D 97 -16.79 -14.11 0.57
CA PRO D 97 -16.52 -14.76 1.85
C PRO D 97 -15.11 -14.46 2.40
N ASP D 98 -15.01 -14.39 3.72
CA ASP D 98 -13.77 -14.05 4.38
C ASP D 98 -12.91 -15.31 4.64
N ILE D 99 -12.67 -16.09 3.59
CA ILE D 99 -11.87 -17.30 3.75
C ILE D 99 -10.43 -16.94 4.05
N THR D 100 -9.88 -17.56 5.09
CA THR D 100 -8.61 -17.15 5.63
C THR D 100 -7.76 -18.37 5.95
N ALA D 101 -6.45 -18.27 5.67
CA ALA D 101 -5.52 -19.30 6.11
C ALA D 101 -5.30 -19.10 7.61
N TYR D 102 -5.41 -20.17 8.39
CA TYR D 102 -5.35 -20.04 9.85
C TYR D 102 -3.96 -19.99 10.43
N SER D 103 -2.95 -20.35 9.64
CA SER D 103 -1.57 -20.33 10.14
C SER D 103 -0.59 -19.68 9.17
N SER D 104 -1.06 -18.64 8.50
CA SER D 104 -0.15 -17.81 7.71
C SER D 104 0.76 -17.03 8.66
N THR D 105 1.88 -16.55 8.14
CA THR D 105 2.85 -15.79 8.93
C THR D 105 3.09 -14.42 8.29
N ARG D 106 2.55 -14.23 7.09
CA ARG D 106 2.59 -12.94 6.40
CA ARG D 106 2.59 -12.92 6.40
C ARG D 106 1.26 -12.70 5.69
N PRO D 107 0.88 -11.44 5.47
CA PRO D 107 -0.37 -11.23 4.74
C PRO D 107 -0.28 -11.86 3.36
N VAL D 108 -1.37 -12.49 2.94
CA VAL D 108 -1.45 -13.13 1.63
C VAL D 108 -1.23 -12.08 0.54
N GLN D 109 -0.44 -12.42 -0.48
CA GLN D 109 -0.30 -11.55 -1.65
C GLN D 109 -1.15 -12.06 -2.81
N VAL D 110 -1.95 -11.17 -3.37
CA VAL D 110 -2.94 -11.49 -4.38
C VAL D 110 -2.33 -11.31 -5.75
N LEU D 111 -2.46 -12.34 -6.59
CA LEU D 111 -1.78 -12.34 -7.89
C LEU D 111 -2.72 -12.18 -9.09
N SER D 112 -4.02 -12.15 -8.83
CA SER D 112 -4.99 -12.07 -9.94
C SER D 112 -5.98 -10.93 -9.72
N PRO D 113 -6.59 -10.41 -10.81
CA PRO D 113 -7.58 -9.34 -10.69
C PRO D 113 -8.77 -9.69 -9.77
N GLN D 114 -9.22 -8.73 -8.97
CA GLN D 114 -10.32 -9.01 -8.04
C GLN D 114 -11.68 -8.90 -8.75
N ILE D 115 -11.91 -9.85 -9.66
CA ILE D 115 -13.13 -9.89 -10.44
C ILE D 115 -13.75 -11.27 -10.32
N ALA D 116 -15.07 -11.32 -10.26
CA ALA D 116 -15.77 -12.58 -10.15
C ALA D 116 -16.74 -12.79 -11.31
N VAL D 117 -17.15 -14.04 -11.50
CA VAL D 117 -18.14 -14.38 -12.52
C VAL D 117 -19.42 -14.81 -11.84
N VAL D 118 -20.51 -14.09 -12.14
CA VAL D 118 -21.82 -14.42 -11.61
C VAL D 118 -22.68 -15.04 -12.73
N THR D 119 -23.39 -16.12 -12.40
CA THR D 119 -24.25 -16.83 -13.36
C THR D 119 -25.74 -16.66 -12.98
N HIS D 120 -26.64 -16.77 -13.96
CA HIS D 120 -28.08 -16.48 -13.80
C HIS D 120 -28.79 -17.29 -12.70
N ASP D 121 -28.22 -18.45 -12.36
CA ASP D 121 -28.74 -19.26 -11.24
C ASP D 121 -28.30 -18.73 -9.89
N GLY D 122 -27.64 -17.57 -9.85
CA GLY D 122 -27.24 -16.97 -8.59
C GLY D 122 -25.93 -17.47 -8.00
N SER D 123 -25.21 -18.27 -8.74
CA SER D 123 -23.92 -18.75 -8.26
C SER D 123 -22.78 -17.79 -8.63
N VAL D 124 -21.80 -17.71 -7.74
CA VAL D 124 -20.64 -16.86 -7.98
C VAL D 124 -19.41 -17.74 -7.99
N MET D 125 -18.50 -17.45 -8.91
CA MET D 125 -17.19 -18.07 -8.91
C MET D 125 -16.11 -17.00 -8.81
N PHE D 126 -15.31 -17.08 -7.76
CA PHE D 126 -14.24 -16.12 -7.52
C PHE D 126 -12.99 -16.94 -7.22
N ILE D 127 -11.93 -16.69 -7.97
CA ILE D 127 -10.73 -17.54 -7.89
C ILE D 127 -9.46 -16.70 -7.68
N PRO D 128 -9.23 -16.25 -6.45
CA PRO D 128 -8.01 -15.47 -6.21
C PRO D 128 -6.78 -16.36 -6.31
N ALA D 129 -5.85 -15.98 -7.18
CA ALA D 129 -4.51 -16.56 -7.19
C ALA D 129 -3.72 -15.88 -6.08
N GLN D 130 -2.94 -16.67 -5.31
CA GLN D 130 -2.32 -16.15 -4.08
C GLN D 130 -0.91 -16.69 -3.85
N ARG D 131 -0.06 -15.87 -3.24
CA ARG D 131 1.17 -16.38 -2.62
C ARG D 131 1.04 -16.34 -1.11
N LEU D 132 1.28 -17.49 -0.47
CA LEU D 132 1.10 -17.63 0.96
C LEU D 132 2.39 -18.09 1.66
N SER D 133 2.76 -17.42 2.76
CA SER D 133 3.78 -17.94 3.67
C SER D 133 3.03 -18.52 4.86
N PHE D 134 3.35 -19.74 5.24
CA PHE D 134 2.62 -20.37 6.34
C PHE D 134 3.54 -21.25 7.17
N MET D 135 3.06 -21.66 8.34
CA MET D 135 3.89 -22.39 9.29
C MET D 135 4.11 -23.81 8.82
N CYS D 136 5.38 -24.20 8.68
CA CYS D 136 5.75 -25.47 8.05
C CYS D 136 7.21 -25.81 8.28
N ASP D 137 7.45 -27.00 8.85
CA ASP D 137 8.79 -27.49 9.10
C ASP D 137 9.18 -28.38 7.94
N PRO D 138 10.11 -27.92 7.10
CA PRO D 138 10.51 -28.69 5.91
C PRO D 138 11.53 -29.79 6.21
N THR D 139 11.87 -30.04 7.47
CA THR D 139 12.81 -31.12 7.81
C THR D 139 12.41 -32.43 7.12
N GLY D 140 13.39 -33.06 6.47
CA GLY D 140 13.15 -34.33 5.79
C GLY D 140 12.83 -34.16 4.32
N VAL D 141 12.77 -32.91 3.87
CA VAL D 141 12.37 -32.61 2.49
C VAL D 141 13.42 -33.15 1.50
N ASP D 142 14.64 -33.36 2.00
CA ASP D 142 15.71 -33.89 1.15
C ASP D 142 15.93 -35.39 1.36
N SER D 143 14.89 -36.10 1.79
CA SER D 143 14.96 -37.54 1.89
C SER D 143 13.85 -38.12 1.03
N GLU D 144 13.88 -39.44 0.88
CA GLU D 144 12.88 -40.16 0.10
C GLU D 144 11.45 -39.92 0.60
N GLU D 145 11.28 -39.86 1.93
CA GLU D 145 9.97 -39.66 2.54
C GLU D 145 9.43 -38.25 2.35
N GLY D 146 10.32 -37.31 2.05
CA GLY D 146 9.93 -35.92 1.92
C GLY D 146 9.46 -35.33 3.23
N ALA D 147 8.87 -34.13 3.17
CA ALA D 147 8.33 -33.47 4.36
C ALA D 147 6.82 -33.30 4.20
N THR D 148 6.12 -33.14 5.32
CA THR D 148 4.68 -32.92 5.25
C THR D 148 4.28 -31.67 6.01
N CYS D 149 3.46 -30.82 5.38
CA CYS D 149 2.91 -29.66 6.07
C CYS D 149 1.41 -29.52 5.82
N ALA D 150 0.74 -28.77 6.68
CA ALA D 150 -0.70 -28.56 6.55
C ALA D 150 -1.10 -27.14 6.94
N VAL D 151 -2.12 -26.63 6.28
CA VAL D 151 -2.69 -25.35 6.64
C VAL D 151 -4.21 -25.42 6.45
N LYS D 152 -4.92 -24.92 7.44
CA LYS D 152 -6.36 -24.90 7.43
C LYS D 152 -6.86 -23.57 6.86
N PHE D 153 -7.95 -23.65 6.11
CA PHE D 153 -8.62 -22.47 5.58
C PHE D 153 -10.08 -22.44 6.04
N GLY D 154 -10.58 -21.25 6.36
CA GLY D 154 -12.00 -21.13 6.67
C GLY D 154 -12.38 -19.70 6.91
N SER D 155 -13.68 -19.46 7.13
CA SER D 155 -14.15 -18.15 7.57
C SER D 155 -13.50 -17.76 8.90
N TRP D 156 -13.13 -16.49 9.01
CA TRP D 156 -12.62 -15.98 10.27
C TRP D 156 -13.78 -15.70 11.25
N VAL D 157 -14.88 -15.14 10.75
CA VAL D 157 -15.92 -14.63 11.67
C VAL D 157 -17.27 -15.39 11.67
N TYR D 158 -17.49 -16.25 10.69
CA TYR D 158 -18.74 -16.99 10.59
C TYR D 158 -18.57 -18.45 11.01
N SER D 159 -19.40 -18.91 11.95
CA SER D 159 -19.41 -20.32 12.31
C SER D 159 -20.06 -21.17 11.21
N GLY D 160 -20.11 -22.48 11.47
CA GLY D 160 -20.75 -23.43 10.59
C GLY D 160 -22.27 -23.29 10.50
N PHE D 161 -22.84 -22.55 11.44
CA PHE D 161 -24.25 -22.20 11.43
C PHE D 161 -24.58 -21.16 10.36
N GLU D 162 -23.59 -20.40 9.91
CA GLU D 162 -23.83 -19.38 8.89
C GLU D 162 -23.16 -19.71 7.57
N ILE D 163 -21.97 -20.30 7.63
CA ILE D 163 -21.29 -20.71 6.41
C ILE D 163 -20.82 -22.14 6.54
N ASP D 164 -21.36 -23.03 5.70
CA ASP D 164 -20.80 -24.36 5.61
C ASP D 164 -19.73 -24.34 4.53
N LEU D 165 -18.71 -25.19 4.69
CA LEU D 165 -17.69 -25.39 3.67
C LEU D 165 -17.80 -26.78 3.07
N LYS D 166 -17.33 -26.90 1.82
CA LYS D 166 -17.41 -28.14 1.07
C LYS D 166 -16.25 -28.19 0.08
N THR D 167 -15.81 -29.40 -0.26
CA THR D 167 -14.93 -29.60 -1.42
C THR D 167 -15.63 -30.54 -2.39
N ASP D 168 -15.38 -30.36 -3.68
CA ASP D 168 -15.91 -31.31 -4.68
C ASP D 168 -15.09 -32.59 -4.66
N THR D 169 -13.81 -32.46 -4.30
CA THR D 169 -12.94 -33.62 -4.25
C THR D 169 -11.85 -33.36 -3.22
N ASP D 170 -11.31 -34.41 -2.60
CA ASP D 170 -10.25 -34.22 -1.61
CA ASP D 170 -10.26 -34.24 -1.61
C ASP D 170 -8.87 -34.25 -2.24
N GLN D 171 -8.83 -34.32 -3.57
CA GLN D 171 -7.58 -34.27 -4.32
C GLN D 171 -7.34 -32.85 -4.84
N VAL D 172 -6.27 -32.23 -4.38
CA VAL D 172 -5.85 -30.92 -4.87
C VAL D 172 -5.57 -31.05 -6.36
N ASP D 173 -5.93 -30.04 -7.14
CA ASP D 173 -5.61 -30.07 -8.56
C ASP D 173 -4.11 -29.77 -8.74
N LEU D 174 -3.38 -30.74 -9.29
CA LEU D 174 -1.95 -30.60 -9.51
C LEU D 174 -1.62 -30.51 -11.00
N SER D 175 -2.64 -30.45 -11.85
CA SER D 175 -2.41 -30.44 -13.30
C SER D 175 -1.70 -29.18 -13.80
N SER D 176 -1.61 -28.15 -12.95
CA SER D 176 -0.91 -26.93 -13.34
C SER D 176 0.35 -26.75 -12.49
N TYR D 177 0.76 -27.78 -11.75
CA TYR D 177 1.93 -27.63 -10.90
C TYR D 177 3.19 -27.41 -11.75
N TYR D 178 4.01 -26.45 -11.34
CA TYR D 178 5.20 -26.07 -12.10
C TYR D 178 6.21 -27.22 -12.15
N ALA D 179 6.41 -27.76 -13.35
CA ALA D 179 7.21 -28.97 -13.56
C ALA D 179 8.68 -28.78 -13.23
N SER D 180 9.17 -27.54 -13.26
CA SER D 180 10.57 -27.28 -12.92
C SER D 180 10.74 -26.61 -11.55
N SER D 181 9.74 -26.76 -10.68
CA SER D 181 9.84 -26.26 -9.32
C SER D 181 11.04 -26.89 -8.62
N LYS D 182 11.60 -26.19 -7.63
CA LYS D 182 12.60 -26.78 -6.75
C LYS D 182 12.03 -27.93 -5.92
N TYR D 183 10.71 -27.99 -5.82
CA TYR D 183 10.07 -29.03 -5.04
C TYR D 183 9.02 -29.81 -5.85
N GLU D 184 9.06 -31.13 -5.72
CA GLU D 184 8.07 -31.99 -6.34
CA GLU D 184 8.08 -31.98 -6.35
C GLU D 184 6.97 -32.30 -5.34
N ILE D 185 5.77 -32.55 -5.84
CA ILE D 185 4.68 -32.89 -4.93
C ILE D 185 4.53 -34.39 -4.91
N LEU D 186 4.47 -34.95 -3.71
CA LEU D 186 4.25 -36.40 -3.56
C LEU D 186 2.76 -36.67 -3.36
N SER D 187 2.10 -35.82 -2.59
CA SER D 187 0.63 -35.78 -2.55
C SER D 187 0.11 -34.47 -1.96
N ALA D 188 -1.11 -34.13 -2.36
CA ALA D 188 -1.76 -32.94 -1.84
C ALA D 188 -3.25 -33.18 -1.74
N THR D 189 -3.77 -33.03 -0.53
CA THR D 189 -5.19 -33.27 -0.27
C THR D 189 -5.84 -32.03 0.33
N GLN D 190 -7.15 -31.90 0.10
CA GLN D 190 -7.93 -30.82 0.68
C GLN D 190 -9.18 -31.45 1.33
N THR D 191 -9.22 -31.44 2.65
CA THR D 191 -10.25 -32.17 3.38
C THR D 191 -11.07 -31.30 4.31
N ARG D 192 -12.39 -31.40 4.19
CA ARG D 192 -13.29 -30.72 5.11
C ARG D 192 -13.12 -31.29 6.51
N GLN D 193 -13.02 -30.42 7.51
CA GLN D 193 -13.01 -30.83 8.91
C GLN D 193 -14.06 -30.05 9.71
N VAL D 194 -14.66 -30.72 10.69
CA VAL D 194 -15.56 -30.08 11.62
C VAL D 194 -15.02 -30.20 13.04
N GLN D 195 -14.99 -29.08 13.75
CA GLN D 195 -14.50 -29.06 15.12
C GLN D 195 -15.60 -28.54 16.05
N HIS D 196 -15.99 -29.38 17.03
CA HIS D 196 -17.01 -29.01 17.99
C HIS D 196 -16.34 -28.63 19.30
N TYR D 197 -17.02 -27.81 20.09
CA TYR D 197 -16.51 -27.43 21.40
C TYR D 197 -17.60 -27.57 22.45
N SER D 198 -17.24 -28.12 23.60
CA SER D 198 -18.17 -28.29 24.72
C SER D 198 -18.81 -26.95 25.14
N CYS D 199 -18.00 -25.91 25.23
CA CYS D 199 -18.45 -24.59 25.63
C CYS D 199 -19.50 -24.02 24.67
N CYS D 200 -19.03 -23.68 23.47
CA CYS D 200 -19.80 -22.96 22.47
C CYS D 200 -20.52 -23.95 21.58
N PRO D 201 -21.82 -23.73 21.34
CA PRO D 201 -22.65 -24.70 20.62
C PRO D 201 -22.46 -24.67 19.11
N GLU D 202 -21.84 -23.64 18.58
CA GLU D 202 -21.66 -23.58 17.13
C GLU D 202 -20.44 -24.41 16.71
N PRO D 203 -20.60 -25.22 15.65
CA PRO D 203 -19.49 -26.00 15.09
C PRO D 203 -18.62 -25.14 14.18
N TYR D 204 -17.33 -25.44 14.10
CA TYR D 204 -16.40 -24.70 13.25
C TYR D 204 -15.86 -25.57 12.13
N ILE D 205 -15.83 -24.98 10.93
CA ILE D 205 -15.54 -25.74 9.73
C ILE D 205 -14.28 -25.22 9.06
N ASP D 206 -13.43 -26.13 8.61
CA ASP D 206 -12.30 -25.74 7.80
C ASP D 206 -12.00 -26.76 6.71
N VAL D 207 -11.18 -26.34 5.76
CA VAL D 207 -10.63 -27.23 4.76
C VAL D 207 -9.14 -27.30 5.01
N ASN D 208 -8.66 -28.50 5.34
CA ASN D 208 -7.26 -28.75 5.63
C ASN D 208 -6.51 -29.08 4.37
N LEU D 209 -5.54 -28.24 4.03
CA LEU D 209 -4.68 -28.50 2.89
C LEU D 209 -3.43 -29.20 3.41
N VAL D 210 -3.23 -30.45 3.00
CA VAL D 210 -2.06 -31.23 3.44
C VAL D 210 -1.15 -31.49 2.25
N VAL D 211 0.10 -31.03 2.33
CA VAL D 211 1.01 -31.20 1.20
C VAL D 211 2.25 -32.00 1.60
N LYS D 212 2.52 -33.06 0.86
CA LYS D 212 3.77 -33.82 1.04
C LYS D 212 4.68 -33.55 -0.14
N PHE D 213 5.91 -33.15 0.14
CA PHE D 213 6.77 -32.62 -0.91
C PHE D 213 8.23 -32.91 -0.66
N ARG D 214 9.02 -32.85 -1.73
CA ARG D 214 10.41 -33.35 -1.71
C ARG D 214 11.27 -32.55 -2.67
N GLU D 215 12.57 -32.45 -2.42
CA GLU D 215 13.50 -31.81 -3.37
C GLU D 215 13.61 -32.69 -4.60
N ARG D 216 14.01 -32.14 -5.73
CA ARG D 216 14.20 -32.94 -6.97
CA ARG D 216 14.20 -32.93 -6.93
C ARG D 216 15.41 -33.87 -6.87
N ARG D 217 15.42 -34.91 -7.71
CA ARG D 217 16.51 -35.91 -7.76
C ARG D 217 16.85 -36.27 -9.21
N ASP E 1 -2.78 38.64 -30.03
CA ASP E 1 -2.62 37.47 -29.17
C ASP E 1 -3.91 37.15 -28.43
N TYR E 2 -4.82 38.12 -28.33
CA TYR E 2 -6.10 37.89 -27.68
C TYR E 2 -6.81 36.72 -28.35
N LYS E 3 -6.77 36.71 -29.68
CA LYS E 3 -7.35 35.61 -30.44
C LYS E 3 -6.66 34.30 -30.07
N ASP E 4 -5.33 34.31 -30.05
CA ASP E 4 -4.54 33.16 -29.63
C ASP E 4 -4.91 32.70 -28.22
N ASP E 5 -4.97 33.66 -27.29
CA ASP E 5 -5.36 33.36 -25.92
C ASP E 5 -6.72 32.68 -25.91
N ASP E 6 -7.63 33.22 -26.72
CA ASP E 6 -9.00 32.70 -26.81
C ASP E 6 -9.08 31.29 -27.40
N ASP E 7 -8.29 31.04 -28.45
CA ASP E 7 -8.21 29.72 -29.05
C ASP E 7 -7.73 28.66 -28.05
N LYS E 8 -6.78 29.03 -27.20
CA LYS E 8 -6.33 28.12 -26.15
C LYS E 8 -7.48 27.82 -25.19
N LEU E 9 -8.17 28.86 -24.76
CA LEU E 9 -9.28 28.68 -23.82
C LEU E 9 -10.35 27.80 -24.44
N HIS E 10 -10.59 27.99 -25.72
CA HIS E 10 -11.63 27.20 -26.40
C HIS E 10 -11.25 25.74 -26.49
N SER E 11 -9.99 25.45 -26.80
CA SER E 11 -9.55 24.06 -26.91
C SER E 11 -9.66 23.35 -25.56
N GLN E 12 -9.48 24.09 -24.46
CA GLN E 12 -9.66 23.50 -23.14
C GLN E 12 -11.11 23.15 -22.93
N ALA E 13 -12.00 24.09 -23.21
CA ALA E 13 -13.43 23.86 -23.04
C ALA E 13 -13.90 22.67 -23.88
N ASN E 14 -13.36 22.56 -25.09
CA ASN E 14 -13.74 21.47 -25.99
C ASN E 14 -13.28 20.10 -25.48
N LEU E 15 -12.09 20.04 -24.91
CA LEU E 15 -11.59 18.77 -24.35
C LEU E 15 -12.48 18.36 -23.18
N MET E 16 -12.73 19.29 -22.27
CA MET E 16 -13.60 19.04 -21.11
C MET E 16 -15.01 18.61 -21.55
N ARG E 17 -15.48 19.17 -22.67
CA ARG E 17 -16.80 18.85 -23.20
C ARG E 17 -16.81 17.45 -23.83
N LEU E 18 -15.77 17.11 -24.59
CA LEU E 18 -15.66 15.76 -25.15
C LEU E 18 -15.62 14.70 -24.05
N LYS E 19 -14.86 14.97 -23.00
CA LYS E 19 -14.78 14.06 -21.86
C LYS E 19 -16.12 13.95 -21.11
N SER E 20 -16.85 15.06 -21.02
CA SER E 20 -18.18 15.02 -20.42
C SER E 20 -19.10 14.14 -21.25
N ASP E 21 -19.09 14.37 -22.55
CA ASP E 21 -19.94 13.63 -23.48
C ASP E 21 -19.68 12.11 -23.46
N LEU E 22 -18.41 11.71 -23.42
CA LEU E 22 -18.07 10.29 -23.41
C LEU E 22 -18.34 9.62 -22.06
N PHE E 23 -17.91 10.27 -20.98
CA PHE E 23 -18.01 9.68 -19.64
C PHE E 23 -19.29 10.13 -18.95
N ASN E 24 -19.11 10.94 -17.91
CA ASN E 24 -20.16 11.57 -17.11
C ASN E 24 -21.60 11.51 -17.64
N ARG E 25 -21.79 11.71 -18.94
CA ARG E 25 -23.11 11.71 -19.54
C ARG E 25 -23.51 10.35 -20.13
N SER E 26 -22.53 9.48 -20.35
CA SER E 26 -22.81 8.15 -20.90
C SER E 26 -22.28 7.02 -19.99
N PRO E 27 -22.88 5.83 -20.09
CA PRO E 27 -22.52 4.73 -19.18
C PRO E 27 -21.06 4.27 -19.27
N MET E 28 -20.50 3.87 -18.12
CA MET E 28 -19.21 3.18 -18.09
C MET E 28 -19.38 1.84 -18.83
N TYR E 29 -18.56 1.62 -19.85
CA TYR E 29 -18.66 0.43 -20.69
C TYR E 29 -18.52 -0.80 -19.81
N PRO E 30 -19.48 -1.73 -19.91
CA PRO E 30 -19.65 -2.82 -18.95
C PRO E 30 -18.72 -3.97 -19.20
N GLY E 31 -17.89 -3.88 -20.24
CA GLY E 31 -17.02 -4.98 -20.62
C GLY E 31 -17.62 -5.83 -21.72
N PRO E 32 -16.80 -6.71 -22.32
CA PRO E 32 -17.17 -7.48 -23.50
C PRO E 32 -18.07 -8.65 -23.15
N THR E 33 -18.88 -9.07 -24.12
CA THR E 33 -19.82 -10.17 -23.91
C THR E 33 -19.72 -11.15 -25.05
N LYS E 34 -20.33 -12.31 -24.87
CA LYS E 34 -20.34 -13.36 -25.87
C LYS E 34 -20.85 -12.91 -27.26
N ASP E 35 -21.93 -12.14 -27.30
CA ASP E 35 -22.45 -11.62 -28.55
CA ASP E 35 -22.40 -11.66 -28.61
C ASP E 35 -21.53 -10.51 -29.08
N ASP E 36 -20.73 -9.94 -28.17
CA ASP E 36 -19.90 -8.77 -28.50
C ASP E 36 -18.44 -8.91 -28.07
N PRO E 37 -17.68 -9.79 -28.77
CA PRO E 37 -16.32 -10.08 -28.32
C PRO E 37 -15.33 -8.95 -28.62
N LEU E 38 -14.34 -8.86 -27.76
CA LEU E 38 -13.32 -7.84 -27.88
C LEU E 38 -11.97 -8.49 -28.13
N THR E 39 -11.26 -7.97 -29.12
CA THR E 39 -9.90 -8.40 -29.38
C THR E 39 -8.94 -7.40 -28.77
N VAL E 40 -8.03 -7.90 -27.94
CA VAL E 40 -7.00 -7.05 -27.36
C VAL E 40 -5.66 -7.44 -27.97
N THR E 41 -4.98 -6.47 -28.56
CA THR E 41 -3.67 -6.73 -29.11
C THR E 41 -2.63 -6.56 -27.99
N LEU E 42 -1.65 -7.45 -27.95
CA LEU E 42 -0.59 -7.38 -26.95
C LEU E 42 0.76 -7.42 -27.63
N GLY E 43 1.70 -6.66 -27.07
CA GLY E 43 3.09 -6.73 -27.50
C GLY E 43 3.99 -6.33 -26.33
N PHE E 44 5.13 -7.01 -26.23
CA PHE E 44 6.06 -6.76 -25.14
C PHE E 44 7.32 -6.08 -25.62
N THR E 45 7.83 -5.15 -24.80
CA THR E 45 9.11 -4.50 -25.06
C THR E 45 9.96 -4.85 -23.86
N LEU E 46 10.85 -5.82 -24.03
CA LEU E 46 11.66 -6.31 -22.95
C LEU E 46 12.83 -5.37 -22.67
N GLN E 47 12.88 -4.84 -21.44
CA GLN E 47 13.92 -3.89 -21.05
C GLN E 47 15.07 -4.55 -20.30
N ASP E 48 14.77 -5.49 -19.41
CA ASP E 48 15.83 -6.04 -18.57
C ASP E 48 15.43 -7.34 -17.92
N ILE E 49 16.34 -8.31 -17.94
CA ILE E 49 16.22 -9.40 -17.00
C ILE E 49 17.08 -9.00 -15.82
N VAL E 50 16.44 -8.72 -14.70
CA VAL E 50 17.13 -8.13 -13.56
C VAL E 50 17.86 -9.19 -12.76
N LYS E 51 17.15 -10.24 -12.43
CA LYS E 51 17.66 -11.24 -11.51
C LYS E 51 17.15 -12.62 -11.87
N ALA E 52 18.01 -13.62 -11.73
CA ALA E 52 17.62 -15.00 -11.91
C ALA E 52 18.00 -15.72 -10.65
N ASP E 53 17.03 -16.28 -9.95
CA ASP E 53 17.29 -16.87 -8.65
C ASP E 53 17.17 -18.38 -8.74
N SER E 54 18.33 -19.03 -8.73
CA SER E 54 18.38 -20.47 -8.86
C SER E 54 18.07 -21.15 -7.56
N SER E 55 17.94 -20.39 -6.47
CA SER E 55 17.55 -21.01 -5.21
C SER E 55 16.02 -21.15 -5.02
N THR E 56 15.22 -20.37 -5.76
CA THR E 56 13.75 -20.48 -5.72
C THR E 56 13.09 -20.72 -7.08
N ASN E 57 13.89 -20.83 -8.14
CA ASN E 57 13.38 -20.81 -9.52
C ASN E 57 12.34 -19.70 -9.82
N GLU E 58 12.76 -18.46 -9.55
CA GLU E 58 12.03 -17.26 -9.94
C GLU E 58 12.95 -16.37 -10.75
N VAL E 59 12.41 -15.74 -11.78
CA VAL E 59 13.18 -14.76 -12.54
C VAL E 59 12.40 -13.45 -12.61
N ASP E 60 13.13 -12.35 -12.44
CA ASP E 60 12.54 -11.02 -12.48
C ASP E 60 12.79 -10.31 -13.81
N LEU E 61 11.70 -9.88 -14.45
CA LEU E 61 11.76 -9.08 -15.67
C LEU E 61 11.20 -7.67 -15.48
N VAL E 62 11.73 -6.73 -16.24
CA VAL E 62 11.12 -5.43 -16.44
C VAL E 62 10.79 -5.31 -17.92
N TYR E 63 9.56 -4.93 -18.23
CA TYR E 63 9.13 -4.77 -19.61
C TYR E 63 7.98 -3.77 -19.69
N TYR E 64 7.71 -3.31 -20.90
CA TYR E 64 6.53 -2.51 -21.20
C TYR E 64 5.55 -3.44 -21.89
N GLU E 65 4.29 -3.43 -21.47
CA GLU E 65 3.28 -4.29 -22.06
C GLU E 65 2.28 -3.42 -22.82
N GLN E 66 2.35 -3.46 -24.14
CA GLN E 66 1.46 -2.63 -24.94
C GLN E 66 0.11 -3.32 -25.11
N GLN E 67 -0.93 -2.62 -24.70
CA GLN E 67 -2.28 -3.15 -24.87
C GLN E 67 -3.05 -2.21 -25.78
N ARG E 68 -3.71 -2.77 -26.79
CA ARG E 68 -4.57 -2.01 -27.68
C ARG E 68 -5.92 -2.68 -27.88
N TRP E 69 -6.97 -1.88 -27.88
CA TRP E 69 -8.31 -2.33 -28.22
C TRP E 69 -9.08 -1.14 -28.78
N LYS E 70 -10.31 -1.38 -29.20
CA LYS E 70 -11.11 -0.37 -29.89
C LYS E 70 -12.59 -0.55 -29.58
N LEU E 71 -13.23 0.52 -29.10
CA LEU E 71 -14.66 0.47 -28.76
C LEU E 71 -15.46 1.53 -29.49
N ASN E 72 -16.68 1.16 -29.90
CA ASN E 72 -17.60 2.10 -30.52
C ASN E 72 -18.02 3.20 -29.57
N SER E 73 -18.15 2.86 -28.29
CA SER E 73 -18.57 3.84 -27.28
C SER E 73 -17.52 4.92 -27.00
N LEU E 74 -16.34 4.79 -27.61
CA LEU E 74 -15.28 5.76 -27.43
C LEU E 74 -14.99 6.54 -28.71
N MET E 75 -15.83 6.36 -29.73
CA MET E 75 -15.64 7.11 -30.97
C MET E 75 -16.21 8.52 -30.85
N TRP E 76 -15.67 9.45 -31.63
CA TRP E 76 -16.27 10.78 -31.75
C TRP E 76 -15.87 11.39 -33.08
N ASP E 77 -16.57 12.46 -33.47
CA ASP E 77 -16.26 13.20 -34.69
C ASP E 77 -15.36 14.37 -34.31
N PRO E 78 -14.12 14.37 -34.82
CA PRO E 78 -13.14 15.41 -34.45
C PRO E 78 -13.58 16.81 -34.87
N ASN E 79 -14.45 16.91 -35.88
CA ASN E 79 -15.00 18.19 -36.32
C ASN E 79 -16.08 18.73 -35.39
N GLU E 80 -16.55 17.89 -34.47
CA GLU E 80 -17.49 18.34 -33.45
C GLU E 80 -16.80 18.87 -32.19
N TYR E 81 -15.48 18.79 -32.16
CA TYR E 81 -14.74 19.15 -30.94
C TYR E 81 -13.42 19.86 -31.23
N GLY E 82 -13.42 20.74 -32.21
CA GLY E 82 -12.27 21.59 -32.50
C GLY E 82 -11.05 20.84 -32.96
N ASN E 83 -11.27 19.83 -33.80
CA ASN E 83 -10.20 19.01 -34.36
C ASN E 83 -9.36 18.24 -33.32
N ILE E 84 -9.95 17.98 -32.16
CA ILE E 84 -9.31 17.06 -31.22
C ILE E 84 -9.38 15.65 -31.79
N THR E 85 -8.20 15.06 -32.01
CA THR E 85 -8.07 13.72 -32.58
C THR E 85 -7.70 12.65 -31.54
N ASP E 86 -7.33 13.07 -30.33
CA ASP E 86 -7.03 12.13 -29.25
C ASP E 86 -6.90 12.83 -27.91
N PHE E 87 -6.94 12.04 -26.83
CA PHE E 87 -6.74 12.59 -25.51
C PHE E 87 -6.14 11.55 -24.54
N ARG E 88 -5.51 12.05 -23.49
CA ARG E 88 -4.97 11.23 -22.43
C ARG E 88 -6.01 11.21 -21.34
N THR E 89 -6.16 10.07 -20.68
CA THR E 89 -7.09 10.02 -19.56
C THR E 89 -6.64 8.97 -18.56
N SER E 90 -6.97 9.19 -17.29
CA SER E 90 -6.64 8.24 -16.26
C SER E 90 -7.25 6.89 -16.62
N ALA E 91 -6.49 5.82 -16.40
CA ALA E 91 -6.98 4.48 -16.70
C ALA E 91 -8.23 4.14 -15.90
N ALA E 92 -8.43 4.85 -14.79
CA ALA E 92 -9.60 4.64 -13.94
C ALA E 92 -10.89 5.10 -14.61
N ASP E 93 -10.78 6.03 -15.55
CA ASP E 93 -11.97 6.62 -16.17
C ASP E 93 -12.63 5.70 -17.20
N ILE E 94 -11.89 4.68 -17.65
CA ILE E 94 -12.36 3.78 -18.72
C ILE E 94 -12.24 2.32 -18.31
N TRP E 95 -12.81 1.44 -19.12
CA TRP E 95 -12.63 0.01 -18.91
C TRP E 95 -11.23 -0.39 -19.42
N THR E 96 -10.54 -1.24 -18.66
CA THR E 96 -9.28 -1.84 -19.13
C THR E 96 -9.31 -3.36 -18.97
N PRO E 97 -8.62 -4.07 -19.88
CA PRO E 97 -8.59 -5.53 -19.79
C PRO E 97 -7.80 -6.05 -18.57
N ASP E 98 -8.29 -7.13 -17.97
CA ASP E 98 -7.63 -7.75 -16.83
C ASP E 98 -6.49 -8.68 -17.28
N ILE E 99 -5.60 -8.19 -18.13
CA ILE E 99 -4.46 -9.00 -18.59
C ILE E 99 -3.54 -9.38 -17.42
N THR E 100 -3.32 -10.69 -17.27
CA THR E 100 -2.65 -11.22 -16.10
C THR E 100 -1.60 -12.25 -16.47
N ALA E 101 -0.43 -12.21 -15.82
CA ALA E 101 0.54 -13.28 -16.00
C ALA E 101 0.08 -14.44 -15.15
N TYR E 102 0.08 -15.64 -15.74
CA TYR E 102 -0.52 -16.81 -15.11
C TYR E 102 0.41 -17.55 -14.15
N SER E 103 1.70 -17.26 -14.20
CA SER E 103 2.65 -17.95 -13.32
C SER E 103 3.61 -16.99 -12.61
N SER E 104 3.13 -15.79 -12.30
CA SER E 104 3.86 -14.87 -11.42
C SER E 104 4.01 -15.46 -10.02
N THR E 105 4.98 -14.97 -9.26
CA THR E 105 5.17 -15.47 -7.91
C THR E 105 5.07 -14.37 -6.87
N ARG E 106 4.87 -13.14 -7.34
CA ARG E 106 4.70 -11.94 -6.51
C ARG E 106 3.80 -11.01 -7.30
N PRO E 107 3.05 -10.15 -6.60
CA PRO E 107 2.25 -9.17 -7.35
C PRO E 107 3.14 -8.32 -8.27
N VAL E 108 2.67 -8.08 -9.49
CA VAL E 108 3.38 -7.22 -10.41
CA VAL E 108 3.39 -7.22 -10.41
C VAL E 108 3.58 -5.82 -9.83
N GLN E 109 4.74 -5.24 -10.05
CA GLN E 109 4.97 -3.88 -9.60
C GLN E 109 4.88 -2.94 -10.79
N VAL E 110 4.07 -1.89 -10.64
CA VAL E 110 3.78 -1.00 -11.73
C VAL E 110 4.80 0.12 -11.73
N LEU E 111 5.44 0.37 -12.87
CA LEU E 111 6.52 1.35 -12.95
C LEU E 111 6.15 2.63 -13.71
N SER E 112 4.93 2.72 -14.23
CA SER E 112 4.58 3.88 -15.05
C SER E 112 3.20 4.38 -14.66
N PRO E 113 2.87 5.66 -14.98
CA PRO E 113 1.57 6.19 -14.58
C PRO E 113 0.42 5.47 -15.27
N GLN E 114 -0.67 5.32 -14.55
CA GLN E 114 -1.83 4.62 -15.06
C GLN E 114 -2.70 5.56 -15.88
N ILE E 115 -2.19 5.92 -17.05
CA ILE E 115 -2.90 6.80 -17.98
C ILE E 115 -2.88 6.15 -19.35
N ALA E 116 -3.98 6.27 -20.08
CA ALA E 116 -4.08 5.67 -21.41
C ALA E 116 -4.29 6.76 -22.45
N VAL E 117 -4.10 6.41 -23.72
CA VAL E 117 -4.41 7.33 -24.80
C VAL E 117 -5.61 6.83 -25.61
N VAL E 118 -6.62 7.68 -25.76
CA VAL E 118 -7.84 7.36 -26.51
C VAL E 118 -7.88 8.18 -27.80
N THR E 119 -8.14 7.53 -28.93
CA THR E 119 -8.17 8.19 -30.25
C THR E 119 -9.61 8.21 -30.79
N HIS E 120 -9.92 9.16 -31.69
CA HIS E 120 -11.29 9.40 -32.18
C HIS E 120 -11.97 8.21 -32.87
N ASP E 121 -11.17 7.27 -33.40
CA ASP E 121 -11.73 6.03 -33.93
C ASP E 121 -12.16 5.07 -32.82
N GLY E 122 -11.95 5.46 -31.57
CA GLY E 122 -12.38 4.65 -30.43
C GLY E 122 -11.32 3.66 -29.98
N SER E 123 -10.14 3.74 -30.56
CA SER E 123 -9.05 2.87 -30.14
C SER E 123 -8.37 3.42 -28.86
N VAL E 124 -8.04 2.51 -27.96
CA VAL E 124 -7.33 2.84 -26.74
C VAL E 124 -5.94 2.25 -26.77
N MET E 125 -4.96 3.00 -26.26
CA MET E 125 -3.62 2.48 -26.09
C MET E 125 -3.21 2.63 -24.63
N PHE E 126 -2.91 1.50 -23.99
CA PHE E 126 -2.51 1.50 -22.59
C PHE E 126 -1.25 0.66 -22.46
N ILE E 127 -0.20 1.25 -21.88
CA ILE E 127 1.12 0.62 -21.86
C ILE E 127 1.75 0.62 -20.46
N PRO E 128 1.35 -0.32 -19.62
CA PRO E 128 1.98 -0.42 -18.29
C PRO E 128 3.39 -1.00 -18.32
N ALA E 129 4.31 -0.31 -17.67
CA ALA E 129 5.66 -0.84 -17.47
C ALA E 129 5.60 -1.62 -16.17
N GLN E 130 6.26 -2.76 -16.11
CA GLN E 130 6.04 -3.66 -14.98
C GLN E 130 7.32 -4.35 -14.56
N ARG E 131 7.47 -4.64 -13.27
CA ARG E 131 8.48 -5.59 -12.83
C ARG E 131 7.76 -6.86 -12.37
N LEU E 132 8.16 -7.99 -12.93
CA LEU E 132 7.46 -9.25 -12.71
C LEU E 132 8.42 -10.33 -12.24
N SER E 133 8.04 -11.04 -11.18
CA SER E 133 8.73 -12.27 -10.81
C SER E 133 7.87 -13.41 -11.32
N PHE E 134 8.47 -14.37 -12.00
CA PHE E 134 7.68 -15.51 -12.47
C PHE E 134 8.47 -16.81 -12.35
N MET E 135 7.76 -17.93 -12.38
CA MET E 135 8.38 -19.26 -12.23
C MET E 135 9.27 -19.56 -13.42
N CYS E 136 10.55 -19.79 -13.13
CA CYS E 136 11.54 -19.97 -14.17
C CYS E 136 12.81 -20.64 -13.63
N ASP E 137 13.12 -21.82 -14.17
CA ASP E 137 14.36 -22.53 -13.85
C ASP E 137 15.52 -22.00 -14.69
N PRO E 138 16.43 -21.25 -14.08
CA PRO E 138 17.51 -20.66 -14.87
C PRO E 138 18.74 -21.56 -15.00
N THR E 139 18.58 -22.87 -14.87
CA THR E 139 19.71 -23.78 -15.11
C THR E 139 20.08 -23.73 -16.59
N GLY E 140 21.37 -23.66 -16.88
CA GLY E 140 21.82 -23.50 -18.24
C GLY E 140 22.15 -22.05 -18.56
N VAL E 141 21.79 -21.13 -17.65
CA VAL E 141 22.03 -19.71 -17.86
C VAL E 141 23.53 -19.42 -17.99
N ASP E 142 24.35 -20.25 -17.35
CA ASP E 142 25.81 -20.20 -17.48
C ASP E 142 26.28 -21.16 -18.58
N SER E 143 25.57 -21.17 -19.70
CA SER E 143 25.97 -22.00 -20.83
C SER E 143 25.75 -21.22 -22.11
N GLU E 144 26.40 -21.67 -23.19
CA GLU E 144 26.32 -20.96 -24.46
C GLU E 144 24.88 -20.82 -24.95
N GLU E 145 24.13 -21.91 -24.86
CA GLU E 145 22.73 -21.92 -25.25
C GLU E 145 21.83 -21.27 -24.19
N GLY E 146 22.39 -20.96 -23.03
CA GLY E 146 21.65 -20.29 -21.96
C GLY E 146 20.43 -21.02 -21.42
N ALA E 147 19.60 -20.28 -20.69
CA ALA E 147 18.37 -20.84 -20.13
C ALA E 147 17.14 -20.47 -20.96
N THR E 148 16.09 -21.26 -20.84
CA THR E 148 14.83 -20.95 -21.52
C THR E 148 13.70 -20.90 -20.51
N CYS E 149 12.97 -19.80 -20.47
CA CYS E 149 11.78 -19.74 -19.63
C CYS E 149 10.58 -19.15 -20.37
N ALA E 150 9.39 -19.50 -19.89
CA ALA E 150 8.17 -19.09 -20.54
C ALA E 150 7.18 -18.58 -19.51
N VAL E 151 6.39 -17.59 -19.90
CA VAL E 151 5.27 -17.18 -19.07
C VAL E 151 4.11 -16.73 -19.94
N LYS E 152 2.91 -17.22 -19.60
CA LYS E 152 1.68 -16.92 -20.32
C LYS E 152 0.88 -15.75 -19.75
N PHE E 153 0.32 -14.95 -20.65
CA PHE E 153 -0.49 -13.79 -20.33
C PHE E 153 -1.87 -13.89 -20.95
N GLY E 154 -2.87 -13.44 -20.20
CA GLY E 154 -4.23 -13.47 -20.70
C GLY E 154 -5.17 -12.92 -19.66
N SER E 155 -6.44 -12.79 -20.06
CA SER E 155 -7.50 -12.35 -19.17
C SER E 155 -7.60 -13.36 -18.06
N TRP E 156 -7.94 -12.92 -16.86
CA TRP E 156 -8.12 -13.88 -15.78
C TRP E 156 -9.56 -14.43 -15.80
N VAL E 157 -10.55 -13.56 -16.06
CA VAL E 157 -11.95 -13.93 -15.89
C VAL E 157 -12.78 -13.97 -17.19
N TYR E 158 -12.22 -13.54 -18.31
CA TYR E 158 -12.93 -13.61 -19.58
C TYR E 158 -12.37 -14.70 -20.48
N SER E 159 -13.20 -15.68 -20.82
CA SER E 159 -12.77 -16.72 -21.75
C SER E 159 -12.63 -16.20 -23.17
N GLY E 160 -12.20 -17.11 -24.05
CA GLY E 160 -12.14 -16.84 -25.47
C GLY E 160 -13.45 -16.42 -26.11
N PHE E 161 -14.57 -16.71 -25.46
CA PHE E 161 -15.87 -16.23 -25.96
C PHE E 161 -15.98 -14.71 -25.85
N GLU E 162 -15.35 -14.13 -24.84
CA GLU E 162 -15.54 -12.70 -24.59
C GLU E 162 -14.34 -11.85 -25.02
N ILE E 163 -13.13 -12.35 -24.77
CA ILE E 163 -11.94 -11.59 -25.14
C ILE E 163 -11.02 -12.44 -26.01
N ASP E 164 -10.67 -11.91 -27.17
CA ASP E 164 -9.67 -12.59 -28.00
C ASP E 164 -8.37 -11.79 -27.91
N LEU E 165 -7.26 -12.43 -28.20
CA LEU E 165 -5.97 -11.74 -28.14
C LEU E 165 -5.30 -11.84 -29.49
N LYS E 166 -4.53 -10.83 -29.86
CA LYS E 166 -3.63 -10.99 -31.00
C LYS E 166 -2.30 -10.31 -30.72
N THR E 167 -1.30 -10.65 -31.51
CA THR E 167 -0.05 -9.92 -31.51
C THR E 167 0.10 -9.38 -32.94
N ASP E 168 0.85 -8.29 -33.10
CA ASP E 168 1.20 -7.78 -34.43
C ASP E 168 2.32 -8.60 -35.00
N THR E 169 3.22 -9.02 -34.13
CA THR E 169 4.33 -9.86 -34.50
C THR E 169 4.62 -10.82 -33.34
N ASP E 170 5.37 -11.87 -33.64
CA ASP E 170 5.74 -12.81 -32.60
C ASP E 170 7.15 -12.55 -32.07
N GLN E 171 7.77 -11.48 -32.55
CA GLN E 171 9.08 -11.07 -32.05
C GLN E 171 8.90 -10.02 -30.96
N VAL E 172 9.48 -10.27 -29.80
CA VAL E 172 9.45 -9.26 -28.74
C VAL E 172 10.34 -8.09 -29.17
N ASP E 173 9.88 -6.88 -28.95
CA ASP E 173 10.70 -5.70 -29.22
C ASP E 173 11.87 -5.68 -28.22
N LEU E 174 13.09 -5.75 -28.74
CA LEU E 174 14.31 -5.82 -27.92
C LEU E 174 15.16 -4.58 -28.16
N SER E 175 14.62 -3.61 -28.88
CA SER E 175 15.41 -2.43 -29.23
C SER E 175 15.70 -1.54 -28.04
N SER E 176 15.04 -1.79 -26.90
CA SER E 176 15.32 -1.02 -25.69
C SER E 176 15.97 -1.90 -24.61
N TYR E 177 16.39 -3.10 -24.97
CA TYR E 177 16.96 -3.98 -23.95
C TYR E 177 18.22 -3.36 -23.40
N TYR E 178 18.40 -3.48 -22.09
CA TYR E 178 19.51 -2.82 -21.40
C TYR E 178 20.85 -3.46 -21.80
N ALA E 179 21.67 -2.69 -22.51
CA ALA E 179 22.93 -3.19 -23.07
C ALA E 179 23.89 -3.78 -22.04
N SER E 180 23.80 -3.34 -20.78
CA SER E 180 24.70 -3.84 -19.75
C SER E 180 23.99 -4.67 -18.70
N SER E 181 22.87 -5.27 -19.08
CA SER E 181 22.20 -6.22 -18.19
C SER E 181 23.14 -7.35 -17.84
N LYS E 182 22.96 -7.92 -16.65
CA LYS E 182 23.66 -9.13 -16.25
C LYS E 182 23.37 -10.27 -17.23
N TYR E 183 22.26 -10.16 -17.96
CA TYR E 183 21.87 -11.23 -18.86
C TYR E 183 21.66 -10.75 -20.31
N GLU E 184 22.23 -11.48 -21.27
CA GLU E 184 21.98 -11.16 -22.67
C GLU E 184 20.87 -12.02 -23.23
N ILE E 185 20.08 -11.41 -24.10
CA ILE E 185 18.95 -12.07 -24.72
C ILE E 185 19.42 -12.81 -25.95
N LEU E 186 19.06 -14.09 -26.01
CA LEU E 186 19.36 -14.91 -27.16
C LEU E 186 18.17 -14.88 -28.10
N SER E 187 16.98 -14.95 -27.52
CA SER E 187 15.77 -14.68 -28.29
C SER E 187 14.58 -14.48 -27.36
N ALA E 188 13.57 -13.81 -27.88
CA ALA E 188 12.39 -13.48 -27.12
C ALA E 188 11.21 -13.45 -28.08
N THR E 189 10.24 -14.33 -27.84
CA THR E 189 9.09 -14.40 -28.73
C THR E 189 7.78 -14.29 -27.95
N GLN E 190 6.75 -13.78 -28.63
CA GLN E 190 5.43 -13.66 -28.03
C GLN E 190 4.41 -14.32 -28.97
N THR E 191 3.76 -15.38 -28.50
CA THR E 191 2.92 -16.20 -29.39
C THR E 191 1.55 -16.47 -28.82
N ARG E 192 0.53 -16.05 -29.55
CA ARG E 192 -0.85 -16.46 -29.28
C ARG E 192 -1.00 -17.98 -29.28
N GLN E 193 -1.72 -18.48 -28.28
CA GLN E 193 -2.10 -19.88 -28.15
C GLN E 193 -3.58 -19.90 -27.85
N VAL E 194 -4.28 -20.90 -28.37
CA VAL E 194 -5.68 -21.13 -27.99
C VAL E 194 -5.77 -22.54 -27.40
N GLN E 195 -6.55 -22.69 -26.34
CA GLN E 195 -6.53 -23.90 -25.52
C GLN E 195 -7.94 -24.37 -25.17
N HIS E 196 -8.10 -25.67 -24.98
CA HIS E 196 -9.29 -26.20 -24.34
C HIS E 196 -8.89 -27.00 -23.13
N TYR E 197 -9.50 -26.67 -22.00
CA TYR E 197 -9.20 -27.36 -20.76
C TYR E 197 -10.28 -28.39 -20.43
N SER E 198 -9.88 -29.43 -19.73
CA SER E 198 -10.71 -30.60 -19.45
C SER E 198 -12.12 -30.23 -18.98
N CYS E 199 -12.19 -29.38 -17.96
CA CYS E 199 -13.45 -28.93 -17.38
C CYS E 199 -14.38 -28.29 -18.41
N CYS E 200 -14.02 -27.07 -18.78
CA CYS E 200 -14.93 -26.13 -19.43
C CYS E 200 -15.03 -26.34 -20.94
N PRO E 201 -16.12 -25.83 -21.55
CA PRO E 201 -16.29 -25.80 -23.01
C PRO E 201 -15.80 -24.50 -23.65
N GLU E 202 -15.53 -23.46 -22.84
CA GLU E 202 -14.96 -22.22 -23.36
C GLU E 202 -13.54 -22.48 -23.84
N PRO E 203 -13.20 -21.94 -25.02
CA PRO E 203 -11.80 -21.97 -25.43
C PRO E 203 -11.05 -20.90 -24.64
N TYR E 204 -9.79 -21.16 -24.32
CA TYR E 204 -8.97 -20.24 -23.54
C TYR E 204 -7.77 -19.75 -24.34
N ILE E 205 -7.56 -18.44 -24.28
CA ILE E 205 -6.57 -17.79 -25.13
C ILE E 205 -5.50 -17.12 -24.27
N ASP E 206 -4.26 -17.22 -24.71
CA ASP E 206 -3.18 -16.52 -24.04
C ASP E 206 -2.11 -16.12 -25.05
N VAL E 207 -1.20 -15.27 -24.61
CA VAL E 207 0.02 -15.00 -25.35
C VAL E 207 1.19 -15.50 -24.53
N ASN E 208 1.99 -16.37 -25.14
CA ASN E 208 3.09 -17.03 -24.45
C ASN E 208 4.40 -16.29 -24.68
N LEU E 209 4.97 -15.74 -23.61
CA LEU E 209 6.25 -15.03 -23.69
C LEU E 209 7.36 -16.01 -23.36
N VAL E 210 8.20 -16.32 -24.35
CA VAL E 210 9.28 -17.29 -24.19
C VAL E 210 10.58 -16.53 -24.31
N VAL E 211 11.44 -16.62 -23.31
CA VAL E 211 12.72 -15.92 -23.37
CA VAL E 211 12.72 -15.91 -23.33
C VAL E 211 13.89 -16.87 -23.18
N LYS E 212 14.88 -16.75 -24.07
CA LYS E 212 16.11 -17.52 -23.97
C LYS E 212 17.26 -16.56 -23.70
N PHE E 213 18.02 -16.84 -22.65
CA PHE E 213 18.99 -15.87 -22.19
C PHE E 213 20.13 -16.55 -21.48
N ARG E 214 21.24 -15.82 -21.34
CA ARG E 214 22.40 -16.34 -20.64
C ARG E 214 23.18 -15.22 -19.97
N GLU E 215 24.04 -15.61 -19.02
CA GLU E 215 24.96 -14.70 -18.36
C GLU E 215 25.90 -14.08 -19.37
N ARG E 216 25.92 -12.76 -19.42
CA ARG E 216 26.78 -12.03 -20.33
C ARG E 216 28.25 -12.27 -19.96
N ARG E 217 29.12 -12.39 -20.97
CA ARG E 217 30.54 -12.55 -20.72
C ARG E 217 31.37 -11.45 -21.39
C5 7KO F . 6.05 2.76 -25.19
C6 7KO F . 5.98 1.76 -26.16
N1 7KO F . 5.33 1.82 -27.33
C2 7KO F . 4.67 3.04 -27.53
N3 7KO F . 4.65 4.10 -26.65
C4 7KO F . 5.36 3.95 -25.47
CAK 7KO F . 8.79 4.89 -23.44
CAL 7KO F . 10.06 5.44 -23.61
CAQ 7KO F . 10.17 6.79 -23.96
NAP 7KO F . 9.08 7.59 -24.15
CAO 7KO F . 7.85 7.03 -23.97
CAJ 7KO F . 7.63 5.70 -23.61
CAI 7KO F . 6.26 5.07 -23.42
NAH 7KO F . 5.35 5.02 -24.58
NAA 7KO F . 3.98 3.17 -28.70
CL6 7KO F . 6.79 0.30 -25.88
CAN 7KO F . 4.42 6.09 -24.81
CAS 7KO F . 2.98 5.82 -24.55
CAT 7KO F . 2.60 5.36 -23.28
CAW 7KO F . 1.27 5.09 -23.01
CAV 7KO F . 0.31 5.26 -24.03
NAU 7KO F . 0.66 5.71 -25.28
CAR 7KO F . 1.97 5.97 -25.50
C5 7KO G . 14.21 21.94 -2.38
C6 7KO G . 14.91 22.29 -3.51
N1 7KO G . 14.79 23.44 -4.20
C2 7KO G . 13.82 24.30 -3.66
N3 7KO G . 13.04 24.05 -2.54
C4 7KO G . 13.25 22.87 -1.90
CAK 7KO G . 9.12 21.87 -2.27
CAL 7KO G . 8.17 22.46 -3.09
CAQ 7KO G . 8.22 23.84 -3.33
NAP 7KO G . 9.19 24.62 -2.79
CAO 7KO G . 10.10 24.02 -1.99
CAJ 7KO G . 10.13 22.66 -1.70
CAI 7KO G . 11.15 22.00 -0.85
NAH 7KO G . 12.44 22.61 -0.73
NAA 7KO G . 13.62 25.49 -4.31
CL6 7KO G . 16.11 21.19 -4.19
CAN 7KO G . 12.89 22.97 0.61
CAS 7KO G . 13.90 22.15 1.32
CAT 7KO G . 14.39 22.57 2.57
CAW 7KO G . 15.35 21.83 3.24
CAV 7KO G . 15.81 20.64 2.65
NAU 7KO G . 15.36 20.20 1.43
CAR 7KO G . 14.43 20.97 0.81
C1 NAG H . -0.61 46.50 -2.48
C2 NAG H . 0.51 47.54 -2.54
C3 NAG H . 0.33 48.60 -1.45
C4 NAG H . -0.74 48.18 -0.46
C5 NAG H . -0.56 46.71 -0.08
C6 NAG H . -1.57 46.26 0.97
C7 NAG H . 2.80 47.23 -3.24
C8 NAG H . 4.11 47.58 -2.62
N2 NAG H . 1.80 46.90 -2.42
O3 NAG H . 0.01 49.84 -2.05
O4 NAG H . -0.66 48.98 0.70
O5 NAG H . -0.62 45.85 -1.22
O6 NAG H . -1.17 46.73 2.24
O7 NAG H . 2.66 47.27 -4.46
C1 NAG I . -19.99 23.30 34.96
C2 NAG I . -21.28 23.83 34.34
C3 NAG I . -21.52 25.28 34.75
C4 NAG I . -20.70 25.65 35.99
C5 NAG I . -19.21 25.43 35.72
C6 NAG I . -18.47 25.25 37.04
C7 NAG I . -22.03 22.88 32.20
C8 NAG I . -22.63 23.41 30.92
N2 NAG I . -21.25 23.72 32.88
O3 NAG I . -22.89 25.49 35.02
O4 NAG I . -20.94 27.00 36.33
O5 NAG I . -18.98 24.30 34.89
O6 NAG I . -17.09 25.42 36.78
O7 NAG I . -22.25 21.72 32.56
C5 7KO J . 4.06 9.81 24.20
C6 7KO J . 5.00 10.81 24.49
N1 7KO J . 4.74 12.00 25.09
C2 7KO J . 3.41 12.19 25.41
N3 7KO J . 2.37 11.29 25.16
C4 7KO J . 2.73 10.09 24.56
CAK 7KO J . -0.76 11.79 23.90
CAL 7KO J . -1.27 12.66 22.96
CAQ 7KO J . -1.24 12.26 21.60
NAP 7KO J . -0.73 11.08 21.21
CAO 7KO J . -0.23 10.26 22.15
CAJ 7KO J . -0.23 10.55 23.52
CAI 7KO J . 0.34 9.63 24.54
NAH 7KO J . 1.71 9.22 24.32
NAA 7KO J . 3.08 13.37 26.00
CL6 7KO J . 6.67 10.54 24.07
CAN 7KO J . 2.00 7.90 23.76
CAS 7KO J . 2.35 6.78 24.69
CAT 7KO J . 1.50 6.46 25.77
CAW 7KO J . 1.83 5.43 26.64
CAV 7KO J . 3.01 4.71 26.41
NAU 7KO J . 3.83 5.00 25.37
CAR 7KO J . 3.51 5.99 24.55
C5 7KO K . -10.70 -16.73 17.68
C6 7KO K . -10.42 -16.79 19.00
N1 7KO K . -11.29 -16.75 20.00
C2 7KO K . -12.56 -16.63 19.56
N3 7KO K . -12.95 -16.58 18.25
C4 7KO K . -11.99 -16.64 17.33
CAK 7KO K . -9.88 -18.72 14.67
CAL 7KO K . -9.62 -19.97 14.27
CAQ 7KO K . -10.60 -20.65 13.69
NAP 7KO K . -11.79 -20.14 13.50
CAO 7KO K . -12.02 -18.95 13.90
CAJ 7KO K . -11.11 -18.16 14.50
CAI 7KO K . -11.38 -16.78 14.98
NAH 7KO K . -12.34 -16.57 16.01
NAA 7KO K . -13.51 -16.57 20.52
CL6 7KO K . -8.79 -16.89 19.44
CAN 7KO K . -13.63 -16.20 15.68
CAS 7KO K . -14.00 -14.80 15.78
CAT 7KO K . -13.31 -13.85 15.06
CAW 7KO K . -13.64 -12.55 15.15
CAV 7KO K . -14.63 -12.18 15.95
NAU 7KO K . -15.28 -13.05 16.68
CAR 7KO K . -14.97 -14.32 16.59
C5 7KO L . -8.94 -20.93 -12.88
C6 7KO L . -9.28 -22.15 -12.32
N1 7KO L . -10.44 -22.80 -12.50
C2 7KO L . -11.33 -22.14 -13.33
N3 7KO L . -11.11 -20.91 -13.95
C4 7KO L . -9.88 -20.31 -13.72
CAK 7KO L . -6.88 -19.40 -15.16
CAL 7KO L . -5.59 -19.73 -15.53
CAQ 7KO L . -5.26 -19.80 -16.90
NAP 7KO L . -6.17 -19.58 -17.88
CAO 7KO L . -7.44 -19.27 -17.48
CAJ 7KO L . -7.85 -19.16 -16.14
CAI 7KO L . -9.24 -18.86 -15.73
NAH 7KO L . -9.64 -19.03 -14.33
NAA 7KO L . -12.52 -22.75 -13.53
CL6 7KO L . -8.18 -22.97 -11.28
CAN 7KO L . -9.90 -17.85 -13.55
CAS 7KO L . -11.33 -17.54 -13.28
CAT 7KO L . -11.68 -16.63 -12.27
CAW 7KO L . -13.01 -16.38 -12.00
CAV 7KO L . -13.99 -17.05 -12.76
NAU 7KO L . -13.66 -17.94 -13.75
CAR 7KO L . -12.37 -18.16 -13.99
#